data_4AOE
#
_entry.id   4AOE
#
_cell.length_a   1.000
_cell.length_b   1.000
_cell.length_c   1.000
_cell.angle_alpha   90.00
_cell.angle_beta   90.00
_cell.angle_gamma   90.00
#
_symmetry.space_group_name_H-M   'P 1'
#
_entity_poly.entity_id   1
_entity_poly.type   'polypeptide(L)'
_entity_poly.pdbx_seq_one_letter_code
;TKKSREEIVKEILGRANPNNIPIVDEQPVKVSFKYSLQDIYTADVGTDQVELGLWLVISWKDRSLSWSNECTTFNELTLP
SKYIWLPHIEVYNSIGKPGIHSDQLVRVYKDGTVTFVPQYTIRFSCALENVTTEQGAACTLKFGPWTYDVRDLVLDESQQ
VDLTTYAGGERFQLIEAKQKVNKKTYPCCPQSFEDIELRVTFKKI
;
_entity_poly.pdbx_strand_id   A,B,C,D,E
#
# COMPACT_ATOMS: atom_id res chain seq x y z
N THR A 1 16.47 -17.83 -22.52
CA THR A 1 17.22 -19.10 -22.73
C THR A 1 16.91 -19.69 -24.06
N LYS A 2 15.84 -20.51 -24.12
CA LYS A 2 15.51 -21.13 -25.36
C LYS A 2 14.81 -20.13 -26.22
N LYS A 3 15.24 -20.02 -27.48
CA LYS A 3 14.64 -19.11 -28.42
C LYS A 3 13.25 -19.56 -28.69
N SER A 4 13.04 -20.89 -28.78
CA SER A 4 11.75 -21.41 -29.11
C SER A 4 10.77 -20.98 -28.07
N ARG A 5 11.15 -21.07 -26.78
CA ARG A 5 10.29 -20.68 -25.70
C ARG A 5 10.01 -19.22 -25.79
N GLU A 6 11.04 -18.44 -26.16
CA GLU A 6 10.95 -17.02 -26.16
C GLU A 6 9.88 -16.57 -27.10
N GLU A 7 9.80 -17.19 -28.30
CA GLU A 7 8.81 -16.75 -29.24
C GLU A 7 7.45 -17.00 -28.69
N ILE A 8 7.29 -18.10 -27.92
CA ILE A 8 6.01 -18.50 -27.43
C ILE A 8 5.45 -17.40 -26.58
N VAL A 9 6.25 -16.91 -25.62
CA VAL A 9 5.79 -15.94 -24.66
C VAL A 9 5.36 -14.71 -25.39
N LYS A 10 6.23 -14.24 -26.29
CA LYS A 10 6.05 -13.01 -26.99
C LYS A 10 4.80 -13.07 -27.80
N GLU A 11 4.58 -14.20 -28.50
CA GLU A 11 3.45 -14.30 -29.36
C GLU A 11 2.21 -14.21 -28.52
N ILE A 12 2.11 -15.00 -27.44
CA ILE A 12 0.89 -14.97 -26.70
C ILE A 12 0.71 -13.63 -26.05
N LEU A 13 1.76 -13.11 -25.40
CA LEU A 13 1.65 -11.87 -24.68
C LEU A 13 1.45 -10.70 -25.59
N GLY A 14 2.32 -10.53 -26.60
CA GLY A 14 2.22 -9.36 -27.42
C GLY A 14 1.01 -9.34 -28.32
N ARG A 15 0.90 -10.35 -29.21
CA ARG A 15 -0.17 -10.41 -30.19
C ARG A 15 -1.48 -11.00 -29.69
N ALA A 16 -1.44 -12.05 -28.85
CA ALA A 16 -2.63 -12.85 -28.61
C ALA A 16 -3.86 -12.13 -28.03
N ASN A 17 -3.87 -11.35 -26.90
CA ASN A 17 -5.16 -10.81 -26.49
C ASN A 17 -5.09 -9.90 -25.27
N PRO A 18 -5.98 -8.94 -25.27
CA PRO A 18 -6.18 -8.01 -24.16
C PRO A 18 -7.21 -8.53 -23.21
N ASN A 19 -7.44 -7.86 -22.06
CA ASN A 19 -8.44 -8.32 -21.15
C ASN A 19 -9.74 -8.28 -21.89
N ASN A 20 -10.28 -9.47 -22.17
CA ASN A 20 -11.51 -9.64 -22.88
C ASN A 20 -11.76 -11.11 -22.83
N ILE A 21 -13.03 -11.54 -22.86
CA ILE A 21 -13.24 -12.96 -22.85
C ILE A 21 -13.22 -13.36 -24.29
N PRO A 22 -12.20 -14.09 -24.63
CA PRO A 22 -11.91 -14.52 -25.97
C PRO A 22 -12.96 -15.41 -26.56
N ILE A 23 -13.86 -15.97 -25.74
CA ILE A 23 -14.77 -16.96 -26.24
C ILE A 23 -16.07 -16.33 -26.67
N VAL A 24 -16.27 -16.24 -28.01
CA VAL A 24 -17.42 -15.69 -28.67
C VAL A 24 -18.63 -16.58 -28.58
N ASP A 25 -18.46 -17.91 -28.69
CA ASP A 25 -19.61 -18.78 -28.77
C ASP A 25 -20.26 -18.80 -27.42
N GLU A 26 -21.49 -19.35 -27.31
CA GLU A 26 -22.07 -19.28 -26.00
C GLU A 26 -21.46 -20.33 -25.12
N GLN A 27 -20.44 -19.91 -24.34
CA GLN A 27 -19.81 -20.77 -23.39
C GLN A 27 -19.46 -19.93 -22.22
N PRO A 28 -19.87 -20.41 -21.08
CA PRO A 28 -19.50 -19.75 -19.86
C PRO A 28 -18.13 -20.24 -19.55
N VAL A 29 -17.39 -19.55 -18.67
CA VAL A 29 -16.10 -20.07 -18.35
C VAL A 29 -16.21 -20.73 -17.02
N LYS A 30 -15.73 -21.99 -16.94
CA LYS A 30 -15.80 -22.71 -15.71
C LYS A 30 -14.46 -22.59 -15.07
N VAL A 31 -14.41 -22.42 -13.75
CA VAL A 31 -13.15 -22.36 -13.09
C VAL A 31 -13.19 -23.39 -12.02
N SER A 32 -12.24 -24.33 -12.03
CA SER A 32 -12.24 -25.33 -10.99
C SER A 32 -11.58 -24.71 -9.80
N PHE A 33 -12.09 -25.01 -8.59
CA PHE A 33 -11.48 -24.41 -7.45
C PHE A 33 -11.20 -25.52 -6.48
N LYS A 34 -10.02 -25.48 -5.83
CA LYS A 34 -9.66 -26.49 -4.87
C LYS A 34 -8.96 -25.77 -3.76
N TYR A 35 -9.07 -26.27 -2.53
CA TYR A 35 -8.39 -25.62 -1.45
C TYR A 35 -7.45 -26.57 -0.82
N SER A 36 -6.22 -26.10 -0.56
CA SER A 36 -5.33 -26.93 0.17
C SER A 36 -5.13 -26.19 1.45
N LEU A 37 -5.71 -26.70 2.55
CA LEU A 37 -5.60 -26.03 3.81
C LEU A 37 -4.27 -26.36 4.38
N GLN A 38 -3.34 -25.38 4.34
CA GLN A 38 -2.03 -25.57 4.89
C GLN A 38 -2.05 -25.54 6.39
N ASP A 39 -2.73 -24.55 7.01
CA ASP A 39 -2.68 -24.52 8.44
C ASP A 39 -3.63 -23.48 8.97
N ILE A 40 -4.10 -23.69 10.22
CA ILE A 40 -4.92 -22.70 10.87
C ILE A 40 -3.98 -22.02 11.82
N TYR A 41 -3.46 -20.86 11.39
CA TYR A 41 -2.46 -20.16 12.12
C TYR A 41 -2.95 -19.65 13.44
N THR A 42 -4.08 -18.92 13.46
CA THR A 42 -4.42 -18.37 14.75
C THR A 42 -5.89 -18.18 14.89
N ALA A 43 -6.32 -17.98 16.16
CA ALA A 43 -7.70 -17.71 16.46
C ALA A 43 -7.70 -16.55 17.39
N ASP A 44 -8.66 -15.61 17.22
CA ASP A 44 -8.74 -14.50 18.10
C ASP A 44 -10.12 -14.48 18.69
N VAL A 45 -10.22 -14.71 20.02
CA VAL A 45 -11.48 -14.78 20.70
C VAL A 45 -12.17 -13.44 20.72
N GLY A 46 -11.43 -12.36 21.03
CA GLY A 46 -12.06 -11.07 21.13
C GLY A 46 -12.54 -10.64 19.78
N THR A 47 -11.68 -10.80 18.76
CA THR A 47 -11.93 -10.42 17.41
C THR A 47 -12.93 -11.32 16.78
N ASP A 48 -12.92 -12.62 17.16
CA ASP A 48 -13.75 -13.60 16.53
C ASP A 48 -13.36 -13.72 15.09
N GLN A 49 -12.04 -13.69 14.83
CA GLN A 49 -11.55 -13.89 13.50
C GLN A 49 -10.57 -15.02 13.56
N VAL A 50 -10.46 -15.79 12.46
CA VAL A 50 -9.55 -16.90 12.44
C VAL A 50 -8.68 -16.74 11.23
N GLU A 51 -7.43 -17.25 11.31
CA GLU A 51 -6.56 -17.06 10.19
C GLU A 51 -6.23 -18.39 9.58
N LEU A 52 -6.31 -18.45 8.24
CA LEU A 52 -6.06 -19.68 7.55
C LEU A 52 -4.95 -19.44 6.59
N GLY A 53 -4.05 -20.43 6.47
CA GLY A 53 -3.03 -20.38 5.47
C GLY A 53 -3.46 -21.43 4.50
N LEU A 54 -3.78 -21.01 3.26
CA LEU A 54 -4.32 -21.88 2.24
C LEU A 54 -3.64 -21.58 0.95
N TRP A 55 -3.68 -22.54 0.01
CA TRP A 55 -3.28 -22.16 -1.31
C TRP A 55 -4.49 -22.51 -2.14
N LEU A 56 -4.81 -21.67 -3.15
CA LEU A 56 -6.00 -21.91 -3.90
C LEU A 56 -5.62 -22.41 -5.25
N VAL A 57 -6.19 -23.56 -5.66
CA VAL A 57 -5.88 -24.05 -6.97
C VAL A 57 -6.95 -23.55 -7.87
N ILE A 58 -6.56 -22.84 -8.94
CA ILE A 58 -7.57 -22.33 -9.82
C ILE A 58 -7.21 -22.75 -11.21
N SER A 59 -8.17 -23.30 -11.95
CA SER A 59 -7.86 -23.71 -13.29
C SER A 59 -8.94 -23.21 -14.20
N TRP A 60 -8.54 -22.75 -15.40
CA TRP A 60 -9.52 -22.31 -16.35
C TRP A 60 -8.92 -22.46 -17.72
N LYS A 61 -9.77 -22.45 -18.75
CA LYS A 61 -9.26 -22.55 -20.08
C LYS A 61 -9.55 -21.27 -20.78
N ASP A 62 -8.52 -20.71 -21.43
CA ASP A 62 -8.66 -19.50 -22.18
C ASP A 62 -8.43 -19.88 -23.60
N ARG A 63 -8.97 -19.08 -24.55
CA ARG A 63 -8.81 -19.41 -25.93
C ARG A 63 -7.56 -18.73 -26.39
N SER A 64 -6.64 -19.48 -27.03
CA SER A 64 -5.43 -18.87 -27.49
C SER A 64 -5.34 -19.18 -28.94
N LEU A 65 -4.54 -18.39 -29.70
CA LEU A 65 -4.42 -18.65 -31.09
C LEU A 65 -3.03 -19.15 -31.36
N SER A 66 -2.90 -20.13 -32.27
CA SER A 66 -1.57 -20.59 -32.59
C SER A 66 -1.23 -20.00 -33.92
N TRP A 67 -0.35 -18.98 -33.95
CA TRP A 67 0.01 -18.43 -35.21
C TRP A 67 1.05 -19.26 -35.88
N SER A 68 2.23 -19.32 -35.22
CA SER A 68 3.32 -20.04 -35.82
C SER A 68 3.00 -21.47 -35.60
N ASN A 69 3.35 -22.31 -36.59
CA ASN A 69 3.01 -23.70 -36.44
C ASN A 69 3.72 -24.18 -35.22
N GLU A 70 2.96 -24.77 -34.29
CA GLU A 70 3.62 -25.22 -33.11
C GLU A 70 4.43 -26.41 -33.46
N CYS A 71 5.69 -26.41 -33.01
CA CYS A 71 6.55 -27.53 -33.22
C CYS A 71 6.82 -28.05 -31.86
N THR A 72 7.54 -29.17 -31.74
CA THR A 72 7.82 -29.64 -30.40
C THR A 72 8.59 -28.55 -29.75
N THR A 73 7.98 -27.91 -28.75
CA THR A 73 8.64 -26.82 -28.12
C THR A 73 8.23 -26.79 -26.68
N PHE A 74 8.41 -25.62 -26.05
CA PHE A 74 8.13 -25.35 -24.67
C PHE A 74 6.64 -25.38 -24.53
N ASN A 75 6.13 -26.46 -23.91
CA ASN A 75 4.72 -26.73 -23.75
C ASN A 75 4.07 -25.79 -22.78
N GLU A 76 4.70 -25.58 -21.60
CA GLU A 76 4.08 -24.74 -20.62
C GLU A 76 5.04 -23.66 -20.34
N LEU A 77 4.54 -22.40 -20.26
CA LEU A 77 5.39 -21.31 -19.92
C LEU A 77 4.86 -20.69 -18.68
N THR A 78 5.75 -20.07 -17.89
CA THR A 78 5.29 -19.45 -16.69
C THR A 78 5.34 -17.97 -16.91
N LEU A 79 4.31 -17.26 -16.42
CA LEU A 79 4.25 -15.84 -16.58
C LEU A 79 3.62 -15.25 -15.36
N PRO A 80 3.81 -13.97 -15.19
CA PRO A 80 3.21 -13.32 -14.06
C PRO A 80 1.73 -13.25 -14.24
N SER A 81 0.98 -13.27 -13.12
CA SER A 81 -0.44 -13.29 -13.15
C SER A 81 -0.96 -12.02 -13.75
N LYS A 82 -0.18 -10.92 -13.62
CA LYS A 82 -0.62 -9.65 -14.11
C LYS A 82 -0.79 -9.73 -15.59
N TYR A 83 0.03 -10.54 -16.27
CA TYR A 83 0.01 -10.63 -17.69
C TYR A 83 -1.33 -11.08 -18.19
N ILE A 84 -1.97 -12.04 -17.51
CA ILE A 84 -3.21 -12.57 -18.03
C ILE A 84 -4.33 -12.31 -17.07
N TRP A 85 -5.57 -12.45 -17.58
CA TRP A 85 -6.77 -12.24 -16.82
C TRP A 85 -6.93 -13.34 -15.83
N LEU A 86 -7.35 -12.99 -14.59
CA LEU A 86 -7.58 -13.97 -13.56
C LEU A 86 -8.97 -13.76 -13.04
N PRO A 87 -9.51 -14.80 -12.46
CA PRO A 87 -10.83 -14.69 -11.90
C PRO A 87 -10.87 -13.94 -10.61
N HIS A 88 -12.05 -13.35 -10.33
CA HIS A 88 -12.44 -12.50 -9.23
C HIS A 88 -12.64 -13.21 -7.93
N ILE A 89 -12.55 -14.56 -7.87
CA ILE A 89 -12.87 -15.31 -6.67
C ILE A 89 -12.34 -14.67 -5.42
N GLU A 90 -13.26 -14.41 -4.47
CA GLU A 90 -12.87 -13.81 -3.24
C GLU A 90 -13.69 -14.37 -2.12
N VAL A 91 -13.15 -14.25 -0.89
CA VAL A 91 -13.82 -14.74 0.28
C VAL A 91 -14.89 -13.76 0.61
N TYR A 92 -16.12 -14.26 0.87
CA TYR A 92 -17.21 -13.39 1.14
C TYR A 92 -17.00 -12.66 2.44
N ASN A 93 -16.57 -13.37 3.50
CA ASN A 93 -16.45 -12.65 4.74
C ASN A 93 -15.02 -12.64 5.19
N SER A 94 -14.19 -11.80 4.55
CA SER A 94 -12.83 -11.70 5.02
C SER A 94 -12.80 -10.47 5.84
N ILE A 95 -12.23 -10.56 7.05
CA ILE A 95 -12.14 -9.39 7.88
C ILE A 95 -11.16 -8.44 7.29
N GLY A 96 -10.03 -8.94 6.76
CA GLY A 96 -9.06 -8.03 6.21
C GLY A 96 -8.65 -8.48 4.86
N LYS A 97 -7.86 -7.63 4.16
CA LYS A 97 -7.39 -7.95 2.85
C LYS A 97 -6.49 -9.13 3.00
N PRO A 98 -6.65 -10.07 2.11
CA PRO A 98 -5.81 -11.22 2.20
C PRO A 98 -4.42 -10.87 1.81
N GLY A 99 -3.41 -11.58 2.35
CA GLY A 99 -2.05 -11.31 2.01
C GLY A 99 -1.62 -12.42 1.10
N ILE A 100 -0.56 -12.18 0.31
CA ILE A 100 -0.16 -13.19 -0.63
C ILE A 100 1.18 -13.74 -0.23
N HIS A 101 1.21 -15.07 0.04
CA HIS A 101 2.41 -15.78 0.40
C HIS A 101 3.32 -15.94 -0.78
N SER A 102 2.78 -16.27 -1.97
CA SER A 102 3.65 -16.63 -3.05
C SER A 102 3.61 -15.61 -4.14
N ASP A 103 4.58 -15.69 -5.07
CA ASP A 103 4.63 -14.76 -6.15
C ASP A 103 3.49 -15.07 -7.05
N GLN A 104 3.04 -14.07 -7.83
CA GLN A 104 1.95 -14.35 -8.70
C GLN A 104 2.49 -14.84 -10.00
N LEU A 105 2.57 -16.17 -10.14
CA LEU A 105 3.05 -16.76 -11.35
C LEU A 105 2.05 -17.78 -11.75
N VAL A 106 1.77 -17.90 -13.07
CA VAL A 106 0.79 -18.85 -13.49
C VAL A 106 1.37 -19.62 -14.63
N ARG A 107 1.12 -20.96 -14.65
CA ARG A 107 1.61 -21.75 -15.74
C ARG A 107 0.54 -21.78 -16.76
N VAL A 108 0.91 -21.67 -18.06
CA VAL A 108 -0.06 -21.70 -19.10
C VAL A 108 0.28 -22.85 -19.99
N TYR A 109 -0.73 -23.40 -20.68
CA TYR A 109 -0.49 -24.55 -21.50
C TYR A 109 -0.98 -24.18 -22.87
N LYS A 110 -0.49 -24.93 -23.88
CA LYS A 110 -0.77 -24.67 -25.26
C LYS A 110 -2.24 -24.80 -25.51
N ASP A 111 -2.90 -25.76 -24.85
CA ASP A 111 -4.30 -25.96 -25.07
C ASP A 111 -5.01 -24.71 -24.63
N GLY A 112 -4.35 -23.90 -23.79
CA GLY A 112 -4.97 -22.68 -23.35
C GLY A 112 -5.28 -22.81 -21.89
N THR A 113 -5.09 -24.01 -21.33
CA THR A 113 -5.39 -24.19 -19.94
C THR A 113 -4.40 -23.42 -19.12
N VAL A 114 -4.88 -22.86 -18.00
CA VAL A 114 -4.03 -22.07 -17.16
C VAL A 114 -4.19 -22.57 -15.76
N THR A 115 -3.06 -22.68 -15.02
CA THR A 115 -3.15 -23.10 -13.65
C THR A 115 -2.49 -22.05 -12.82
N PHE A 116 -3.25 -21.46 -11.87
CA PHE A 116 -2.71 -20.43 -11.03
C PHE A 116 -2.98 -20.83 -9.62
N VAL A 117 -1.94 -20.84 -8.76
CA VAL A 117 -2.20 -21.18 -7.40
C VAL A 117 -1.52 -20.20 -6.50
N PRO A 118 -2.31 -19.36 -5.90
CA PRO A 118 -1.77 -18.40 -4.98
C PRO A 118 -1.72 -19.01 -3.61
N GLN A 119 -0.82 -18.50 -2.74
CA GLN A 119 -0.84 -18.92 -1.37
C GLN A 119 -1.37 -17.74 -0.64
N TYR A 120 -2.28 -17.96 0.32
CA TYR A 120 -2.89 -16.83 0.95
C TYR A 120 -2.95 -17.05 2.43
N THR A 121 -3.03 -15.93 3.16
CA THR A 121 -3.32 -15.93 4.56
C THR A 121 -4.60 -15.16 4.61
N ILE A 122 -5.67 -15.75 5.16
CA ILE A 122 -6.91 -15.03 5.12
C ILE A 122 -7.46 -14.98 6.50
N ARG A 123 -8.06 -13.82 6.83
CA ARG A 123 -8.68 -13.68 8.10
C ARG A 123 -10.14 -13.56 7.85
N PHE A 124 -10.95 -14.45 8.45
CA PHE A 124 -12.35 -14.38 8.20
C PHE A 124 -13.08 -14.49 9.50
N SER A 125 -14.36 -14.07 9.50
CA SER A 125 -15.11 -14.09 10.72
C SER A 125 -15.45 -15.50 11.09
N CYS A 126 -15.22 -15.83 12.38
CA CYS A 126 -15.62 -17.11 12.88
C CYS A 126 -15.40 -17.10 14.36
N ALA A 127 -16.39 -17.60 15.13
CA ALA A 127 -16.23 -17.65 16.56
C ALA A 127 -15.40 -18.85 16.91
N LEU A 128 -14.33 -18.60 17.68
CA LEU A 128 -13.39 -19.57 18.18
C LEU A 128 -13.97 -20.36 19.29
N GLU A 129 -14.99 -19.81 19.99
CA GLU A 129 -15.56 -20.37 21.19
C GLU A 129 -15.70 -21.86 21.09
N ASN A 130 -15.32 -22.54 22.20
CA ASN A 130 -15.36 -23.97 22.37
C ASN A 130 -14.39 -24.68 21.50
N VAL A 131 -13.24 -24.05 21.14
CA VAL A 131 -12.24 -24.75 20.37
C VAL A 131 -11.70 -25.87 21.21
N THR A 132 -11.54 -25.62 22.52
CA THR A 132 -10.95 -26.55 23.44
C THR A 132 -11.83 -27.76 23.59
N THR A 133 -13.16 -27.58 23.53
CA THR A 133 -14.04 -28.68 23.76
C THR A 133 -13.81 -29.74 22.72
N GLU A 134 -14.24 -30.97 23.04
CA GLU A 134 -14.07 -32.11 22.20
C GLU A 134 -14.86 -31.90 20.94
N GLN A 135 -16.06 -31.30 21.05
CA GLN A 135 -16.86 -31.12 19.88
C GLN A 135 -16.11 -30.27 18.91
N GLY A 136 -15.40 -29.24 19.42
CA GLY A 136 -14.65 -28.41 18.53
C GLY A 136 -15.53 -27.30 18.07
N ALA A 137 -15.14 -26.61 16.97
CA ALA A 137 -15.90 -25.50 16.49
C ALA A 137 -15.99 -25.59 15.00
N ALA A 138 -16.99 -24.92 14.40
CA ALA A 138 -17.11 -24.98 12.98
C ALA A 138 -17.07 -23.59 12.45
N CYS A 139 -16.47 -23.43 11.26
CA CYS A 139 -16.39 -22.13 10.64
C CYS A 139 -16.71 -22.35 9.20
N THR A 140 -17.29 -21.33 8.55
CA THR A 140 -17.57 -21.46 7.15
C THR A 140 -17.22 -20.18 6.48
N LEU A 141 -16.66 -20.27 5.27
CA LEU A 141 -16.38 -19.10 4.48
C LEU A 141 -16.72 -19.48 3.08
N LYS A 142 -17.31 -18.56 2.30
CA LYS A 142 -17.67 -18.96 0.97
C LYS A 142 -16.81 -18.21 0.02
N PHE A 143 -16.36 -18.90 -1.05
CA PHE A 143 -15.54 -18.25 -2.03
C PHE A 143 -16.33 -18.29 -3.30
N GLY A 144 -16.17 -17.24 -4.14
CA GLY A 144 -16.89 -17.25 -5.38
C GLY A 144 -16.72 -15.91 -6.01
N PRO A 145 -16.97 -15.85 -7.29
CA PRO A 145 -16.83 -14.64 -8.05
C PRO A 145 -17.70 -13.60 -7.42
N TRP A 146 -17.18 -12.37 -7.23
CA TRP A 146 -18.05 -11.39 -6.64
C TRP A 146 -19.08 -10.97 -7.65
N THR A 147 -18.61 -10.48 -8.82
CA THR A 147 -19.44 -9.95 -9.88
C THR A 147 -20.15 -11.00 -10.69
N TYR A 148 -19.44 -12.08 -11.05
CA TYR A 148 -19.93 -13.02 -12.03
C TYR A 148 -21.05 -13.86 -11.51
N ASP A 149 -22.11 -13.98 -12.33
CA ASP A 149 -23.21 -14.82 -12.00
C ASP A 149 -22.86 -16.19 -12.50
N VAL A 150 -23.74 -17.17 -12.25
CA VAL A 150 -23.52 -18.53 -12.65
C VAL A 150 -23.39 -18.55 -14.13
N ARG A 151 -24.15 -17.69 -14.82
CA ARG A 151 -24.08 -17.71 -16.25
C ARG A 151 -22.68 -17.43 -16.70
N ASP A 152 -22.06 -16.34 -16.20
CA ASP A 152 -20.77 -16.00 -16.70
C ASP A 152 -19.72 -16.95 -16.23
N LEU A 153 -19.71 -17.28 -14.92
CA LEU A 153 -18.67 -18.12 -14.42
C LEU A 153 -19.28 -19.28 -13.71
N VAL A 154 -18.78 -20.49 -14.01
CA VAL A 154 -19.27 -21.66 -13.34
C VAL A 154 -18.15 -22.18 -12.51
N LEU A 155 -18.42 -22.53 -11.24
CA LEU A 155 -17.38 -23.01 -10.39
C LEU A 155 -17.54 -24.49 -10.23
N ASP A 156 -16.41 -25.23 -10.23
CA ASP A 156 -16.47 -26.65 -10.08
C ASP A 156 -15.41 -27.07 -9.10
N GLU A 157 -15.62 -28.20 -8.39
CA GLU A 157 -14.62 -28.69 -7.48
C GLU A 157 -14.46 -30.17 -7.68
N SER A 158 -13.20 -30.64 -7.62
CA SER A 158 -12.91 -32.04 -7.74
C SER A 158 -13.24 -32.77 -6.46
N GLN A 159 -12.78 -32.27 -5.30
CA GLN A 159 -12.94 -33.01 -4.08
C GLN A 159 -13.31 -32.09 -2.95
N GLN A 160 -13.47 -32.67 -1.73
CA GLN A 160 -13.93 -31.94 -0.56
C GLN A 160 -12.93 -30.92 -0.07
N VAL A 161 -11.72 -31.33 0.39
CA VAL A 161 -10.69 -30.43 0.88
C VAL A 161 -9.41 -31.22 1.00
N ASP A 162 -8.24 -30.57 0.75
CA ASP A 162 -6.97 -31.27 0.77
C ASP A 162 -6.29 -31.08 2.10
N LEU A 163 -6.43 -32.11 2.96
CA LEU A 163 -5.86 -32.23 4.27
C LEU A 163 -4.41 -32.61 4.26
N THR A 164 -3.94 -33.32 3.22
CA THR A 164 -2.64 -33.94 3.23
C THR A 164 -1.55 -32.96 3.51
N THR A 165 -1.62 -31.76 2.91
CA THR A 165 -0.61 -30.74 3.05
C THR A 165 -0.57 -30.21 4.45
N TYR A 166 -1.71 -30.29 5.16
CA TYR A 166 -1.90 -29.73 6.48
C TYR A 166 -0.70 -30.03 7.34
N ALA A 167 -0.22 -28.99 8.08
CA ALA A 167 0.96 -29.11 8.89
C ALA A 167 0.69 -30.08 10.00
N GLY A 168 1.68 -30.97 10.24
CA GLY A 168 1.55 -32.01 11.22
C GLY A 168 1.41 -31.43 12.59
N GLY A 169 2.26 -30.45 12.95
CA GLY A 169 2.16 -29.96 14.29
C GLY A 169 1.57 -28.59 14.22
N GLU A 170 0.29 -28.52 13.81
CA GLU A 170 -0.38 -27.26 13.76
C GLU A 170 -1.00 -27.07 15.10
N ARG A 171 -1.31 -25.80 15.44
CA ARG A 171 -1.90 -25.52 16.71
C ARG A 171 -3.24 -26.19 16.75
N PHE A 172 -3.97 -26.22 15.62
CA PHE A 172 -5.27 -26.79 15.69
C PHE A 172 -5.35 -28.00 14.82
N GLN A 173 -6.08 -29.04 15.31
CA GLN A 173 -6.31 -30.26 14.60
C GLN A 173 -7.48 -30.03 13.69
N LEU A 174 -7.54 -30.79 12.57
CA LEU A 174 -8.60 -30.62 11.63
C LEU A 174 -9.56 -31.75 11.79
N ILE A 175 -10.78 -31.49 12.31
CA ILE A 175 -11.69 -32.59 12.34
C ILE A 175 -12.20 -32.90 10.96
N GLU A 176 -12.60 -31.88 10.15
CA GLU A 176 -12.95 -32.20 8.79
C GLU A 176 -13.00 -30.94 7.97
N ALA A 177 -12.51 -31.01 6.73
CA ALA A 177 -12.53 -29.87 5.87
C ALA A 177 -13.40 -30.21 4.70
N LYS A 178 -14.35 -29.33 4.36
CA LYS A 178 -15.21 -29.65 3.27
C LYS A 178 -15.33 -28.46 2.37
N GLN A 179 -15.52 -28.72 1.07
CA GLN A 179 -15.75 -27.67 0.13
C GLN A 179 -16.96 -28.07 -0.64
N LYS A 180 -18.14 -27.52 -0.29
CA LYS A 180 -19.30 -27.93 -1.02
C LYS A 180 -19.67 -26.80 -1.92
N VAL A 181 -20.01 -27.12 -3.17
CA VAL A 181 -20.42 -26.09 -4.08
C VAL A 181 -21.87 -25.85 -3.89
N ASN A 182 -22.24 -24.57 -3.92
CA ASN A 182 -23.62 -24.25 -3.80
C ASN A 182 -23.90 -23.07 -4.67
N LYS A 183 -25.18 -22.95 -5.10
CA LYS A 183 -25.62 -21.86 -5.90
C LYS A 183 -26.57 -21.11 -5.02
N LYS A 184 -26.52 -19.77 -5.05
CA LYS A 184 -27.33 -19.03 -4.13
C LYS A 184 -27.79 -17.81 -4.86
N THR A 185 -28.82 -17.14 -4.31
CA THR A 185 -29.32 -15.97 -4.95
C THR A 185 -29.20 -14.83 -4.00
N TYR A 186 -29.15 -13.60 -4.55
CA TYR A 186 -29.02 -12.43 -3.74
C TYR A 186 -30.15 -11.53 -4.13
N PRO A 187 -30.55 -10.68 -3.23
CA PRO A 187 -31.63 -9.79 -3.53
C PRO A 187 -31.27 -8.81 -4.60
N CYS A 188 -29.96 -8.59 -4.83
CA CYS A 188 -29.54 -7.64 -5.81
C CYS A 188 -29.96 -8.12 -7.16
N CYS A 189 -29.87 -9.44 -7.39
CA CYS A 189 -29.93 -9.83 -8.75
C CYS A 189 -30.68 -11.13 -8.86
N PRO A 190 -31.41 -11.24 -9.95
CA PRO A 190 -32.17 -12.42 -10.25
C PRO A 190 -31.32 -13.58 -10.67
N GLN A 191 -30.04 -13.36 -11.01
CA GLN A 191 -29.20 -14.42 -11.50
C GLN A 191 -28.71 -15.25 -10.35
N SER A 192 -28.46 -16.55 -10.60
CA SER A 192 -27.94 -17.40 -9.59
C SER A 192 -26.46 -17.18 -9.54
N PHE A 193 -25.86 -17.29 -8.34
CA PHE A 193 -24.44 -17.13 -8.22
C PHE A 193 -23.92 -18.37 -7.58
N GLU A 194 -22.73 -18.84 -7.99
CA GLU A 194 -22.22 -20.04 -7.39
C GLU A 194 -21.01 -19.72 -6.58
N ASP A 195 -20.92 -20.34 -5.39
CA ASP A 195 -19.79 -20.14 -4.52
C ASP A 195 -19.43 -21.47 -3.95
N ILE A 196 -18.17 -21.59 -3.45
CA ILE A 196 -17.82 -22.82 -2.80
C ILE A 196 -17.76 -22.49 -1.35
N GLU A 197 -18.47 -23.27 -0.52
CA GLU A 197 -18.46 -22.97 0.88
C GLU A 197 -17.45 -23.86 1.50
N LEU A 198 -16.44 -23.25 2.15
CA LEU A 198 -15.44 -24.04 2.76
C LEU A 198 -15.80 -24.10 4.20
N ARG A 199 -16.15 -25.30 4.69
CA ARG A 199 -16.51 -25.40 6.07
C ARG A 199 -15.46 -26.21 6.74
N VAL A 200 -14.76 -25.59 7.70
CA VAL A 200 -13.74 -26.33 8.37
C VAL A 200 -14.13 -26.49 9.78
N THR A 201 -13.98 -27.73 10.28
CA THR A 201 -14.28 -27.95 11.65
C THR A 201 -13.00 -28.40 12.28
N PHE A 202 -12.54 -27.64 13.30
CA PHE A 202 -11.28 -27.95 13.90
C PHE A 202 -11.34 -27.67 15.37
N LYS A 203 -10.33 -28.19 16.09
CA LYS A 203 -10.23 -28.02 17.51
C LYS A 203 -8.77 -28.02 17.85
N LYS A 204 -8.44 -27.57 19.08
CA LYS A 204 -7.09 -27.63 19.55
C LYS A 204 -6.76 -29.06 19.77
N ILE A 205 -5.51 -29.45 19.45
CA ILE A 205 -5.09 -30.81 19.60
C ILE A 205 -5.39 -31.29 21.02
N THR B 1 -15.87 -16.00 -24.27
CA THR B 1 -16.85 -17.06 -24.55
C THR B 1 -17.77 -16.68 -25.66
N LYS B 2 -18.87 -15.99 -25.33
CA LYS B 2 -19.79 -15.63 -26.35
C LYS B 2 -19.25 -14.43 -27.07
N LYS B 3 -19.26 -14.50 -28.41
CA LYS B 3 -18.79 -13.42 -29.23
C LYS B 3 -19.70 -12.24 -29.04
N SER B 4 -21.01 -12.51 -28.92
CA SER B 4 -21.97 -11.45 -28.81
C SER B 4 -21.67 -10.65 -27.59
N ARG B 5 -21.37 -11.32 -26.46
CA ARG B 5 -21.08 -10.65 -25.23
C ARG B 5 -19.82 -9.86 -25.39
N GLU B 6 -18.85 -10.44 -26.11
CA GLU B 6 -17.55 -9.85 -26.24
C GLU B 6 -17.65 -8.51 -26.88
N GLU B 7 -18.49 -8.37 -27.93
CA GLU B 7 -18.58 -7.10 -28.60
C GLU B 7 -19.13 -6.09 -27.65
N ILE B 8 -20.04 -6.51 -26.76
CA ILE B 8 -20.72 -5.61 -25.88
C ILE B 8 -19.72 -4.90 -25.03
N VAL B 9 -18.82 -5.67 -24.39
CA VAL B 9 -17.88 -5.15 -23.45
C VAL B 9 -17.01 -4.15 -24.16
N LYS B 10 -16.47 -4.56 -25.31
CA LYS B 10 -15.52 -3.79 -26.05
C LYS B 10 -16.13 -2.50 -26.46
N GLU B 11 -17.38 -2.55 -26.95
CA GLU B 11 -17.99 -1.35 -27.44
C GLU B 11 -18.13 -0.39 -26.29
N ILE B 12 -18.70 -0.84 -25.15
CA ILE B 12 -18.90 0.10 -24.10
C ILE B 12 -17.58 0.59 -23.57
N LEU B 13 -16.63 -0.32 -23.31
CA LEU B 13 -15.37 0.05 -22.72
C LEU B 13 -14.52 0.86 -23.65
N GLY B 14 -14.31 0.36 -24.89
CA GLY B 14 -13.40 1.06 -25.76
C GLY B 14 -13.95 2.36 -26.27
N ARG B 15 -15.10 2.32 -26.99
CA ARG B 15 -15.67 3.49 -27.60
C ARG B 15 -16.53 4.36 -26.69
N ALA B 16 -17.34 3.75 -25.79
CA ALA B 16 -18.39 4.49 -25.14
C ALA B 16 -18.00 5.74 -24.31
N ASN B 17 -17.05 5.75 -23.32
CA ASN B 17 -16.87 7.02 -22.61
C ASN B 17 -15.78 6.99 -21.57
N PRO B 18 -15.15 8.15 -21.40
CA PRO B 18 -14.13 8.38 -20.40
C PRO B 18 -14.76 8.92 -19.14
N ASN B 19 -13.97 9.09 -18.05
CA ASN B 19 -14.54 9.63 -16.85
C ASN B 19 -15.05 10.98 -17.19
N ASN B 20 -16.39 11.13 -17.17
CA ASN B 20 -17.06 12.34 -17.48
C ASN B 20 -18.49 12.04 -17.20
N ILE B 21 -19.30 13.04 -16.83
CA ILE B 21 -20.68 12.73 -16.60
C ILE B 21 -21.33 12.91 -17.94
N PRO B 22 -21.76 11.80 -18.47
CA PRO B 22 -22.33 11.70 -19.79
C PRO B 22 -23.59 12.47 -19.96
N ILE B 23 -24.24 12.90 -18.86
CA ILE B 23 -25.54 13.50 -18.97
C ILE B 23 -25.45 15.00 -19.08
N VAL B 24 -25.69 15.51 -20.31
CA VAL B 24 -25.67 16.91 -20.66
C VAL B 24 -26.85 17.67 -20.14
N ASP B 25 -28.06 17.07 -20.14
CA ASP B 25 -29.24 17.82 -19.80
C ASP B 25 -29.20 18.09 -18.33
N GLU B 26 -30.08 18.97 -17.81
CA GLU B 26 -29.94 19.23 -16.41
C GLU B 26 -30.55 18.10 -15.64
N GLN B 27 -29.68 17.15 -15.23
CA GLN B 27 -30.10 16.06 -14.42
C GLN B 27 -28.97 15.75 -13.49
N PRO B 28 -29.32 15.70 -12.23
CA PRO B 28 -28.35 15.31 -11.25
C PRO B 28 -28.31 13.83 -11.29
N VAL B 29 -27.27 13.19 -10.74
CA VAL B 29 -27.29 11.76 -10.75
C VAL B 29 -27.68 11.32 -9.38
N LYS B 30 -28.68 10.42 -9.30
CA LYS B 30 -29.13 9.94 -8.04
C LYS B 30 -28.49 8.61 -7.83
N VAL B 31 -28.04 8.34 -6.59
CA VAL B 31 -27.46 7.05 -6.34
C VAL B 31 -28.22 6.47 -5.20
N SER B 32 -28.81 5.28 -5.38
CA SER B 32 -29.53 4.70 -4.29
C SER B 32 -28.52 4.04 -3.41
N PHE B 33 -28.72 4.11 -2.07
CA PHE B 33 -27.73 3.50 -1.22
C PHE B 33 -28.49 2.63 -0.26
N LYS B 34 -27.96 1.42 0.01
CA LYS B 34 -28.60 0.52 0.93
C LYS B 34 -27.49 -0.11 1.71
N TYR B 35 -27.75 -0.48 2.97
CA TYR B 35 -26.71 -1.11 3.74
C TYR B 35 -27.18 -2.45 4.16
N SER B 36 -26.31 -3.46 4.01
CA SER B 36 -26.66 -4.73 4.54
C SER B 36 -25.66 -4.95 5.62
N LEU B 37 -26.10 -4.87 6.88
CA LEU B 37 -25.19 -5.01 7.99
C LEU B 37 -24.97 -6.47 8.19
N GLN B 38 -23.78 -6.96 7.78
CA GLN B 38 -23.43 -8.34 7.95
C GLN B 38 -23.11 -8.66 9.38
N ASP B 39 -22.28 -7.84 10.06
CA ASP B 39 -21.96 -8.20 11.40
C ASP B 39 -21.19 -7.10 12.07
N ILE B 40 -21.28 -7.04 13.41
CA ILE B 40 -20.49 -6.10 14.16
C ILE B 40 -19.38 -6.93 14.72
N TYR B 41 -18.21 -6.88 14.05
CA TYR B 41 -17.10 -7.72 14.38
C TYR B 41 -16.53 -7.40 15.73
N THR B 42 -16.21 -6.12 16.00
CA THR B 42 -15.54 -5.92 17.25
C THR B 42 -15.80 -4.55 17.79
N ALA B 43 -15.51 -4.39 19.10
CA ALA B 43 -15.62 -3.12 19.75
C ALA B 43 -14.35 -2.93 20.52
N ASP B 44 -13.83 -1.68 20.53
CA ASP B 44 -12.63 -1.42 21.27
C ASP B 44 -12.94 -0.30 22.23
N VAL B 45 -12.91 -0.61 23.55
CA VAL B 45 -13.23 0.36 24.56
C VAL B 45 -12.21 1.45 24.64
N GLY B 46 -10.91 1.09 24.61
CA GLY B 46 -9.89 2.09 24.75
C GLY B 46 -9.91 2.99 23.55
N THR B 47 -9.98 2.39 22.35
CA THR B 47 -9.97 3.08 21.09
C THR B 47 -11.26 3.81 20.88
N ASP B 48 -12.37 3.25 21.37
CA ASP B 48 -13.66 3.82 21.12
C ASP B 48 -13.94 3.74 19.65
N GLN B 49 -13.56 2.62 19.02
CA GLN B 49 -13.86 2.42 17.63
C GLN B 49 -14.59 1.12 17.53
N VAL B 50 -15.48 0.99 16.53
CA VAL B 50 -16.23 -0.22 16.36
C VAL B 50 -16.05 -0.67 14.95
N GLU B 51 -16.12 -2.00 14.72
CA GLU B 51 -15.90 -2.46 13.38
C GLU B 51 -17.14 -3.09 12.85
N LEU B 52 -17.50 -2.73 11.61
CA LEU B 52 -18.70 -3.22 11.01
C LEU B 52 -18.31 -3.92 9.75
N GLY B 53 -18.98 -5.06 9.48
CA GLY B 53 -18.80 -5.73 8.24
C GLY B 53 -20.11 -5.48 7.55
N LEU B 54 -20.06 -4.75 6.41
CA LEU B 54 -21.23 -4.34 5.69
C LEU B 54 -21.00 -4.55 4.23
N TRP B 55 -22.10 -4.64 3.45
CA TRP B 55 -21.88 -4.55 2.04
C TRP B 55 -22.74 -3.39 1.63
N LEU B 56 -22.27 -2.58 0.67
CA LEU B 56 -23.00 -1.41 0.32
C LEU B 56 -23.62 -1.61 -1.02
N VAL B 57 -24.94 -1.41 -1.13
CA VAL B 57 -25.57 -1.56 -2.41
C VAL B 57 -25.61 -0.21 -3.02
N ILE B 58 -25.04 -0.05 -4.22
CA ILE B 58 -25.05 1.23 -4.83
C ILE B 58 -25.60 1.10 -6.21
N SER B 59 -26.57 1.95 -6.58
CA SER B 59 -27.11 1.83 -7.90
C SER B 59 -27.17 3.18 -8.51
N TRP B 60 -26.84 3.28 -9.81
CA TRP B 60 -26.92 4.54 -10.49
C TRP B 60 -27.14 4.26 -11.95
N LYS B 61 -27.61 5.28 -12.69
CA LYS B 61 -27.80 5.08 -14.09
C LYS B 61 -26.84 5.96 -14.81
N ASP B 62 -26.13 5.38 -15.78
CA ASP B 62 -25.19 6.11 -16.58
C ASP B 62 -25.76 6.10 -17.96
N ARG B 63 -25.38 7.08 -18.79
CA ARG B 63 -25.89 7.15 -20.12
C ARG B 63 -24.96 6.37 -20.98
N SER B 64 -25.50 5.42 -21.78
CA SER B 64 -24.65 4.64 -22.63
C SER B 64 -25.19 4.79 -24.01
N LEU B 65 -24.36 4.52 -25.03
CA LEU B 65 -24.85 4.64 -26.38
C LEU B 65 -24.92 3.27 -26.97
N SER B 66 -25.96 3.01 -27.77
CA SER B 66 -26.05 1.73 -28.40
C SER B 66 -25.66 1.93 -29.84
N TRP B 67 -24.44 1.51 -30.22
CA TRP B 67 -24.06 1.67 -31.59
C TRP B 67 -24.63 0.58 -32.43
N SER B 68 -24.20 -0.66 -32.14
CA SER B 68 -24.65 -1.76 -32.94
C SER B 68 -26.03 -2.02 -32.49
N ASN B 69 -26.90 -2.41 -33.44
CA ASN B 69 -28.26 -2.63 -33.05
C ASN B 69 -28.25 -3.72 -32.04
N GLU B 70 -28.86 -3.47 -30.88
CA GLU B 70 -28.84 -4.49 -29.89
C GLU B 70 -29.76 -5.57 -30.33
N CYS B 71 -29.27 -6.82 -30.26
CA CYS B 71 -30.09 -7.94 -30.60
C CYS B 71 -30.22 -8.68 -29.32
N THR B 72 -31.01 -9.76 -29.29
CA THR B 72 -31.10 -10.49 -28.05
C THR B 72 -29.72 -10.96 -27.77
N THR B 73 -29.11 -10.41 -26.70
CA THR B 73 -27.76 -10.76 -26.41
C THR B 73 -27.59 -10.71 -24.92
N PHE B 74 -26.32 -10.61 -24.50
CA PHE B 74 -25.88 -10.59 -23.14
C PHE B 74 -26.35 -9.28 -22.58
N ASN B 75 -27.39 -9.34 -21.72
CA ASN B 75 -28.04 -8.20 -21.13
C ASN B 75 -27.18 -7.50 -20.12
N GLU B 76 -26.56 -8.27 -19.20
CA GLU B 76 -25.78 -7.65 -18.18
C GLU B 76 -24.42 -8.20 -18.30
N LEU B 77 -23.40 -7.32 -18.22
CA LEU B 77 -22.05 -7.78 -18.26
C LEU B 77 -21.40 -7.37 -16.98
N THR B 78 -20.39 -8.14 -16.56
CA THR B 78 -19.71 -7.79 -15.35
C THR B 78 -18.36 -7.26 -15.73
N LEU B 79 -17.93 -6.19 -15.04
CA LEU B 79 -16.66 -5.59 -15.33
C LEU B 79 -16.07 -5.10 -14.05
N PRO B 80 -14.79 -4.86 -14.07
CA PRO B 80 -14.15 -4.35 -12.90
C PRO B 80 -14.58 -2.94 -12.65
N SER B 81 -14.61 -2.53 -11.37
CA SER B 81 -15.09 -1.23 -10.99
C SER B 81 -14.18 -0.19 -11.55
N LYS B 82 -12.90 -0.53 -11.76
CA LYS B 82 -11.94 0.43 -12.24
C LYS B 82 -12.37 0.92 -13.59
N TYR B 83 -13.00 0.03 -14.38
CA TYR B 83 -13.36 0.35 -15.73
C TYR B 83 -14.30 1.52 -15.77
N ILE B 84 -15.26 1.61 -14.83
CA ILE B 84 -16.23 2.65 -14.92
C ILE B 84 -16.16 3.54 -13.72
N TRP B 85 -16.77 4.74 -13.83
CA TRP B 85 -16.80 5.72 -12.79
C TRP B 85 -17.68 5.25 -11.68
N LEU B 86 -17.24 5.47 -10.42
CA LEU B 86 -18.02 5.08 -9.27
C LEU B 86 -18.16 6.29 -8.40
N PRO B 87 -19.17 6.28 -7.58
CA PRO B 87 -19.39 7.39 -6.68
C PRO B 87 -18.43 7.39 -5.52
N HIS B 88 -18.20 8.60 -4.98
CA HIS B 88 -17.32 9.00 -3.91
C HIS B 88 -17.78 8.63 -2.53
N ILE B 89 -19.00 8.06 -2.37
CA ILE B 89 -19.56 7.80 -1.05
C ILE B 89 -18.55 7.26 -0.08
N GLU B 90 -18.41 7.96 1.06
CA GLU B 90 -17.49 7.53 2.06
C GLU B 90 -18.04 7.81 3.42
N VAL B 91 -17.52 7.08 4.42
CA VAL B 91 -17.96 7.25 5.78
C VAL B 91 -17.32 8.48 6.30
N TYR B 92 -18.12 9.36 6.95
CA TYR B 92 -17.59 10.60 7.43
C TYR B 92 -16.59 10.35 8.52
N ASN B 93 -16.90 9.48 9.49
CA ASN B 93 -15.96 9.32 10.55
C ASN B 93 -15.41 7.93 10.58
N SER B 94 -14.50 7.62 9.63
CA SER B 94 -13.90 6.33 9.69
C SER B 94 -12.58 6.54 10.33
N ILE B 95 -12.24 5.71 11.33
CA ILE B 95 -10.97 5.85 11.97
C ILE B 95 -9.89 5.43 11.02
N GLY B 96 -10.11 4.36 10.25
CA GLY B 96 -9.07 3.92 9.36
C GLY B 96 -9.63 3.71 8.00
N LYS B 97 -8.72 3.46 7.02
CA LYS B 97 -9.13 3.22 5.67
C LYS B 97 -9.91 1.96 5.68
N PRO B 98 -11.01 1.96 4.98
CA PRO B 98 -11.81 0.79 4.94
C PRO B 98 -11.13 -0.26 4.14
N GLY B 99 -11.37 -1.55 4.44
CA GLY B 99 -10.76 -2.61 3.70
C GLY B 99 -11.83 -3.19 2.83
N ILE B 100 -11.44 -3.87 1.74
CA ILE B 100 -12.43 -4.38 0.84
C ILE B 100 -12.45 -5.88 0.90
N HIS B 101 -13.61 -6.43 1.29
CA HIS B 101 -13.83 -7.85 1.36
C HIS B 101 -13.93 -8.46 -0.01
N SER B 102 -14.65 -7.81 -0.94
CA SER B 102 -14.92 -8.48 -2.19
C SER B 102 -14.19 -7.83 -3.32
N ASP B 103 -14.15 -8.52 -4.47
CA ASP B 103 -13.48 -7.97 -5.61
C ASP B 103 -14.31 -6.85 -6.12
N GLN B 104 -13.67 -5.91 -6.83
CA GLN B 104 -14.45 -4.81 -7.32
C GLN B 104 -14.97 -5.17 -8.67
N LEU B 105 -16.22 -5.69 -8.68
CA LEU B 105 -16.86 -6.05 -9.91
C LEU B 105 -18.20 -5.40 -9.89
N VAL B 106 -18.65 -4.90 -11.06
CA VAL B 106 -19.93 -4.25 -11.08
C VAL B 106 -20.70 -4.78 -12.24
N ARG B 107 -22.01 -5.02 -12.06
CA ARG B 107 -22.82 -5.49 -13.15
C ARG B 107 -23.38 -4.28 -13.81
N VAL B 108 -23.42 -4.29 -15.16
CA VAL B 108 -23.95 -3.18 -15.87
C VAL B 108 -25.09 -3.69 -16.70
N TYR B 109 -26.05 -2.79 -17.00
CA TYR B 109 -27.21 -3.23 -17.74
C TYR B 109 -27.29 -2.34 -18.94
N LYS B 110 -28.02 -2.82 -19.96
CA LYS B 110 -28.14 -2.14 -21.23
C LYS B 110 -28.78 -0.80 -21.03
N ASP B 111 -29.75 -0.69 -20.11
CA ASP B 111 -30.41 0.56 -19.89
C ASP B 111 -29.39 1.53 -19.41
N GLY B 112 -28.26 1.03 -18.88
CA GLY B 112 -27.23 1.92 -18.42
C GLY B 112 -27.16 1.81 -16.93
N THR B 113 -28.10 1.07 -16.31
CA THR B 113 -28.09 0.98 -14.89
C THR B 113 -26.91 0.15 -14.47
N VAL B 114 -26.31 0.53 -13.33
CA VAL B 114 -25.16 -0.16 -12.85
C VAL B 114 -25.38 -0.51 -11.41
N THR B 115 -25.00 -1.74 -11.03
CA THR B 115 -25.14 -2.13 -9.65
C THR B 115 -23.80 -2.56 -9.16
N PHE B 116 -23.29 -1.89 -8.11
CA PHE B 116 -22.01 -2.20 -7.56
C PHE B 116 -22.18 -2.42 -6.10
N VAL B 117 -21.70 -3.58 -5.58
CA VAL B 117 -21.83 -3.78 -4.17
C VAL B 117 -20.52 -4.25 -3.62
N PRO B 118 -19.88 -3.37 -2.91
CA PRO B 118 -18.64 -3.74 -2.28
C PRO B 118 -18.91 -4.33 -0.93
N GLN B 119 -18.00 -5.16 -0.42
CA GLN B 119 -18.12 -5.60 0.94
C GLN B 119 -17.03 -4.89 1.66
N TYR B 120 -17.34 -4.36 2.86
CA TYR B 120 -16.36 -3.56 3.52
C TYR B 120 -16.30 -3.92 4.96
N THR B 121 -15.13 -3.62 5.57
CA THR B 121 -14.95 -3.68 6.98
C THR B 121 -14.62 -2.27 7.31
N ILE B 122 -15.39 -1.63 8.21
CA ILE B 122 -15.11 -0.25 8.44
C ILE B 122 -14.96 -0.04 9.91
N ARG B 123 -14.01 0.82 10.27
CA ARG B 123 -13.83 1.14 11.64
C ARG B 123 -14.21 2.57 11.81
N PHE B 124 -15.18 2.84 12.70
CA PHE B 124 -15.60 4.20 12.87
C PHE B 124 -15.68 4.51 14.32
N SER B 125 -15.70 5.82 14.64
CA SER B 125 -15.70 6.21 16.02
C SER B 125 -17.03 5.93 16.62
N CYS B 126 -17.03 5.31 17.82
CA CYS B 126 -18.24 5.10 18.55
C CYS B 126 -17.87 4.57 19.89
N ALA B 127 -18.50 5.10 20.96
CA ALA B 127 -18.21 4.61 22.28
C ALA B 127 -19.00 3.36 22.50
N LEU B 128 -18.28 2.29 22.91
CA LEU B 128 -18.78 0.99 23.21
C LEU B 128 -19.48 0.97 24.53
N GLU B 129 -19.15 1.93 25.42
CA GLU B 129 -19.62 1.96 26.79
C GLU B 129 -21.06 1.58 26.89
N ASN B 130 -21.35 0.75 27.91
CA ASN B 130 -22.66 0.25 28.24
C ASN B 130 -23.20 -0.69 27.20
N VAL B 131 -22.32 -1.42 26.47
CA VAL B 131 -22.81 -2.40 25.52
C VAL B 131 -23.52 -3.48 26.29
N THR B 132 -22.97 -3.84 27.46
CA THR B 132 -23.48 -4.91 28.27
C THR B 132 -24.85 -4.59 28.79
N THR B 133 -25.10 -3.31 29.10
CA THR B 133 -26.36 -2.95 29.68
C THR B 133 -27.47 -3.29 28.74
N GLU B 134 -28.70 -3.41 29.30
CA GLU B 134 -29.86 -3.77 28.56
C GLU B 134 -30.17 -2.69 27.57
N GLN B 135 -29.95 -1.42 27.95
CA GLN B 135 -30.27 -0.35 27.05
C GLN B 135 -29.43 -0.51 25.82
N GLY B 136 -28.16 -0.89 26.00
CA GLY B 136 -27.32 -1.07 24.85
C GLY B 136 -26.65 0.22 24.54
N ALA B 137 -26.11 0.36 23.31
CA ALA B 137 -25.41 1.55 22.95
C ALA B 137 -25.82 1.94 21.57
N ALA B 138 -25.63 3.22 21.21
CA ALA B 138 -26.01 3.65 19.90
C ALA B 138 -24.80 4.23 19.23
N CYS B 139 -24.69 4.02 17.91
CA CYS B 139 -23.59 4.54 17.16
C CYS B 139 -24.17 5.11 15.91
N THR B 140 -23.52 6.14 15.35
CA THR B 140 -24.03 6.67 14.10
C THR B 140 -22.84 6.95 13.24
N LEU B 141 -23.00 6.70 11.93
CA LEU B 141 -21.98 7.05 10.98
C LEU B 141 -22.72 7.54 9.78
N LYS B 142 -22.20 8.58 9.11
CA LYS B 142 -22.93 9.08 7.98
C LYS B 142 -22.16 8.79 6.75
N PHE B 143 -22.88 8.38 5.68
CA PHE B 143 -22.21 8.10 4.44
C PHE B 143 -22.74 9.10 3.46
N GLY B 144 -21.90 9.51 2.50
CA GLY B 144 -22.36 10.46 1.54
C GLY B 144 -21.18 10.91 0.74
N PRO B 145 -21.46 11.47 -0.42
CA PRO B 145 -20.45 11.94 -1.31
C PRO B 145 -19.63 12.95 -0.57
N TRP B 146 -18.29 12.87 -0.67
CA TRP B 146 -17.53 13.87 0.04
C TRP B 146 -17.65 15.19 -0.66
N THR B 147 -17.29 15.20 -1.97
CA THR B 147 -17.26 16.39 -2.80
C THR B 147 -18.61 16.85 -3.26
N TYR B 148 -19.47 15.92 -3.69
CA TYR B 148 -20.69 16.25 -4.38
C TYR B 148 -21.72 16.85 -3.47
N ASP B 149 -22.32 17.96 -3.94
CA ASP B 149 -23.39 18.58 -3.23
C ASP B 149 -24.64 17.90 -3.66
N VAL B 150 -25.78 18.30 -3.06
CA VAL B 150 -27.05 17.70 -3.36
C VAL B 150 -27.33 17.92 -4.80
N ARG B 151 -26.90 19.07 -5.34
CA ARG B 151 -27.17 19.33 -6.72
C ARG B 151 -26.56 18.27 -7.58
N ASP B 152 -25.25 17.98 -7.39
CA ASP B 152 -24.64 17.05 -8.28
C ASP B 152 -25.11 15.65 -8.02
N LEU B 153 -25.15 15.23 -6.75
CA LEU B 153 -25.50 13.86 -6.48
C LEU B 153 -26.64 13.84 -5.51
N VAL B 154 -27.66 13.03 -5.80
CA VAL B 154 -28.78 12.91 -4.90
C VAL B 154 -28.74 11.51 -4.38
N LEU B 155 -28.90 11.34 -3.06
CA LEU B 155 -28.85 10.02 -2.49
C LEU B 155 -30.25 9.61 -2.13
N ASP B 156 -30.59 8.32 -2.38
CA ASP B 156 -31.90 7.84 -2.07
C ASP B 156 -31.76 6.51 -1.40
N GLU B 157 -32.74 6.14 -0.53
CA GLU B 157 -32.71 4.84 0.09
C GLU B 157 -34.06 4.22 0.01
N SER B 158 -34.10 2.90 -0.24
CA SER B 158 -35.34 2.16 -0.29
C SER B 158 -35.87 1.91 1.10
N GLN B 159 -35.02 1.40 2.02
CA GLN B 159 -35.52 0.99 3.31
C GLN B 159 -34.56 1.39 4.39
N GLN B 160 -34.91 1.06 5.67
CA GLN B 160 -34.14 1.45 6.83
C GLN B 160 -32.79 0.79 6.91
N VAL B 161 -32.70 -0.55 7.04
CA VAL B 161 -31.45 -1.28 7.12
C VAL B 161 -31.76 -2.74 6.95
N ASP B 162 -30.85 -3.52 6.31
CA ASP B 162 -31.08 -4.92 6.04
C ASP B 162 -30.44 -5.77 7.09
N LEU B 163 -31.27 -6.22 8.06
CA LEU B 163 -30.95 -7.07 9.16
C LEU B 163 -30.83 -8.53 8.78
N THR B 164 -31.56 -8.96 7.72
CA THR B 164 -31.73 -10.36 7.42
C THR B 164 -30.42 -11.06 7.28
N THR B 165 -29.45 -10.44 6.60
CA THR B 165 -28.17 -11.02 6.33
C THR B 165 -27.39 -11.20 7.61
N TYR B 166 -27.67 -10.36 8.62
CA TYR B 166 -26.94 -10.30 9.86
C TYR B 166 -26.67 -11.69 10.38
N ALA B 167 -25.41 -11.93 10.82
CA ALA B 167 -25.01 -13.23 11.28
C ALA B 167 -25.77 -13.59 12.51
N GLY B 168 -26.24 -14.85 12.56
CA GLY B 168 -27.06 -15.33 13.63
C GLY B 168 -26.29 -15.32 14.92
N GLY B 169 -25.04 -15.83 14.91
CA GLY B 169 -24.35 -15.87 16.16
C GLY B 169 -23.29 -14.84 16.12
N GLU B 170 -23.69 -13.56 16.09
CA GLU B 170 -22.75 -12.50 16.10
C GLU B 170 -22.49 -12.17 17.53
N ARG B 171 -21.35 -11.54 17.81
CA ARG B 171 -21.02 -11.18 19.16
C ARG B 171 -22.05 -10.23 19.65
N PHE B 172 -22.53 -9.31 18.79
CA PHE B 172 -23.45 -8.34 19.30
C PHE B 172 -24.77 -8.50 18.61
N GLN B 173 -25.87 -8.32 19.39
CA GLN B 173 -27.22 -8.37 18.91
C GLN B 173 -27.55 -7.03 18.36
N LEU B 174 -28.49 -6.98 17.39
CA LEU B 174 -28.85 -5.74 16.78
C LEU B 174 -30.16 -5.31 17.33
N ILE B 175 -30.21 -4.23 18.14
CA ILE B 175 -31.51 -3.80 18.54
C ILE B 175 -32.23 -3.12 17.41
N GLU B 176 -31.56 -2.21 16.65
CA GLU B 176 -32.23 -1.69 15.48
C GLU B 176 -31.24 -1.02 14.59
N ALA B 177 -31.40 -1.20 13.27
CA ALA B 177 -30.52 -0.57 12.33
C ALA B 177 -31.34 0.36 11.50
N LYS B 178 -30.88 1.62 11.36
CA LYS B 178 -31.67 2.54 10.60
C LYS B 178 -30.77 3.28 9.66
N GLN B 179 -31.33 3.66 8.50
CA GLN B 179 -30.60 4.46 7.56
C GLN B 179 -31.51 5.60 7.21
N LYS B 180 -31.30 6.77 7.83
CA LYS B 180 -32.18 7.85 7.50
C LYS B 180 -31.42 8.80 6.64
N VAL B 181 -32.08 9.28 5.57
CA VAL B 181 -31.43 10.21 4.71
C VAL B 181 -31.62 11.57 5.28
N ASN B 182 -30.55 12.38 5.23
CA ASN B 182 -30.66 13.72 5.71
C ASN B 182 -29.82 14.58 4.83
N LYS B 183 -30.20 15.88 4.78
CA LYS B 183 -29.47 16.86 4.03
C LYS B 183 -28.91 17.78 5.05
N LYS B 184 -27.65 18.21 4.87
CA LYS B 184 -27.04 18.99 5.90
C LYS B 184 -26.18 20.02 5.21
N THR B 185 -25.77 21.06 5.96
CA THR B 185 -24.97 22.08 5.36
C THR B 185 -23.68 22.14 6.11
N TYR B 186 -22.63 22.66 5.44
CA TYR B 186 -21.35 22.77 6.05
C TYR B 186 -20.93 24.21 5.91
N PRO B 187 -20.09 24.66 6.79
CA PRO B 187 -19.66 26.03 6.72
C PRO B 187 -18.85 26.29 5.49
N CYS B 188 -18.28 25.24 4.88
CA CYS B 188 -17.47 25.43 3.72
C CYS B 188 -18.31 25.94 2.61
N CYS B 189 -19.55 25.45 2.50
CA CYS B 189 -20.21 25.68 1.26
C CYS B 189 -21.67 25.93 1.51
N PRO B 190 -22.20 26.80 0.70
CA PRO B 190 -23.60 27.14 0.75
C PRO B 190 -24.50 26.06 0.23
N GLN B 191 -23.97 25.06 -0.48
CA GLN B 191 -24.79 24.03 -1.08
C GLN B 191 -25.18 23.03 -0.03
N SER B 192 -26.36 22.40 -0.21
CA SER B 192 -26.78 21.38 0.70
C SER B 192 -26.11 20.12 0.30
N PHE B 193 -25.78 19.25 1.28
CA PHE B 193 -25.17 18.00 0.97
C PHE B 193 -26.04 16.94 1.57
N GLU B 194 -26.18 15.79 0.88
CA GLU B 194 -27.01 14.77 1.44
C GLU B 194 -26.18 13.59 1.83
N ASP B 195 -26.48 13.01 3.00
CA ASP B 195 -25.78 11.86 3.48
C ASP B 195 -26.79 10.92 4.07
N ILE B 196 -26.42 9.64 4.20
CA ILE B 196 -27.33 8.72 4.84
C ILE B 196 -26.71 8.45 6.17
N GLU B 197 -27.50 8.63 7.25
CA GLU B 197 -26.94 8.40 8.55
C GLU B 197 -27.32 7.02 8.94
N LEU B 198 -26.32 6.18 9.21
CA LEU B 198 -26.62 4.84 9.59
C LEU B 198 -26.50 4.82 11.07
N ARG B 199 -27.64 4.59 11.77
CA ARG B 199 -27.57 4.57 13.19
C ARG B 199 -27.86 3.17 13.61
N VAL B 200 -26.87 2.53 14.26
CA VAL B 200 -27.11 1.19 14.69
C VAL B 200 -27.11 1.16 16.16
N THR B 201 -28.11 0.47 16.72
CA THR B 201 -28.14 0.35 18.14
C THR B 201 -28.03 -1.12 18.42
N PHE B 202 -26.98 -1.50 19.18
CA PHE B 202 -26.75 -2.89 19.42
C PHE B 202 -26.23 -3.09 20.80
N LYS B 203 -26.25 -4.36 21.26
CA LYS B 203 -25.78 -4.71 22.57
C LYS B 203 -25.26 -6.11 22.48
N LYS B 204 -24.50 -6.55 23.51
CA LYS B 204 -24.03 -7.89 23.57
C LYS B 204 -25.22 -8.75 23.84
N ILE B 205 -25.25 -9.94 23.21
CA ILE B 205 -26.36 -10.83 23.39
C ILE B 205 -26.62 -11.06 24.88
N THR C 1 -24.60 14.37 -16.88
CA THR C 1 -25.95 14.94 -16.75
C THR C 1 -26.11 16.17 -17.59
N LYS C 2 -25.73 17.33 -17.03
CA LYS C 2 -25.90 18.54 -17.78
C LYS C 2 -24.75 18.64 -18.75
N LYS C 3 -25.08 18.94 -20.02
CA LYS C 3 -24.09 19.08 -21.04
C LYS C 3 -23.25 20.27 -20.73
N SER C 4 -23.88 21.34 -20.21
CA SER C 4 -23.18 22.56 -19.95
C SER C 4 -22.09 22.29 -18.95
N ARG C 5 -22.40 21.52 -17.89
CA ARG C 5 -21.45 21.20 -16.87
C ARG C 5 -20.36 20.38 -17.47
N GLU C 6 -20.74 19.46 -18.38
CA GLU C 6 -19.80 18.52 -18.93
C GLU C 6 -18.72 19.23 -19.66
N GLU C 7 -19.05 20.29 -20.43
CA GLU C 7 -18.04 20.96 -21.17
C GLU C 7 -17.08 21.61 -20.22
N ILE C 8 -17.59 22.08 -19.07
CA ILE C 8 -16.78 22.81 -18.13
C ILE C 8 -15.65 21.95 -17.68
N VAL C 9 -15.95 20.72 -17.25
CA VAL C 9 -14.99 19.83 -16.68
C VAL C 9 -13.93 19.56 -17.70
N LYS C 10 -14.37 19.20 -18.92
CA LYS C 10 -13.50 18.79 -19.97
C LYS C 10 -12.57 19.89 -20.32
N GLU C 11 -13.10 21.11 -20.43
CA GLU C 11 -12.27 22.21 -20.84
C GLU C 11 -11.21 22.41 -19.81
N ILE C 12 -11.57 22.49 -18.52
CA ILE C 12 -10.54 22.76 -17.56
C ILE C 12 -9.58 21.62 -17.48
N LEU C 13 -10.08 20.38 -17.41
CA LEU C 13 -9.23 19.24 -17.25
C LEU C 13 -8.39 18.97 -18.46
N GLY C 14 -9.03 18.88 -19.65
CA GLY C 14 -8.28 18.52 -20.81
C GLY C 14 -7.33 19.59 -21.28
N ARG C 15 -7.88 20.78 -21.63
CA ARG C 15 -7.08 21.87 -22.17
C ARG C 15 -6.38 22.73 -21.16
N ALA C 16 -7.00 23.04 -20.00
CA ALA C 16 -6.51 24.10 -19.16
C ALA C 16 -5.08 23.99 -18.61
N ASN C 17 -4.57 22.91 -17.94
CA ASN C 17 -3.20 23.03 -17.45
C ASN C 17 -2.68 21.78 -16.77
N PRO C 18 -1.38 21.59 -16.92
CA PRO C 18 -0.64 20.51 -16.28
C PRO C 18 -0.09 20.97 -14.96
N ASN C 19 0.53 20.07 -14.16
CA ASN C 19 1.08 20.50 -12.91
C ASN C 19 2.13 21.51 -13.23
N ASN C 20 1.84 22.77 -12.85
CA ASN C 20 2.71 23.89 -13.07
C ASN C 20 2.03 25.01 -12.37
N ILE C 21 2.78 26.02 -11.89
CA ILE C 21 2.11 27.10 -11.25
C ILE C 21 1.80 28.06 -12.35
N PRO C 22 0.54 28.18 -12.62
CA PRO C 22 0.01 28.97 -13.71
C PRO C 22 0.29 30.43 -13.58
N ILE C 23 0.71 30.91 -12.40
CA ILE C 23 0.83 32.33 -12.20
C ILE C 23 2.24 32.79 -12.49
N VAL C 24 2.39 33.48 -13.64
CA VAL C 24 3.63 34.04 -14.13
C VAL C 24 4.08 35.26 -13.38
N ASP C 25 3.14 36.15 -12.97
CA ASP C 25 3.53 37.40 -12.39
C ASP C 25 4.09 37.11 -11.02
N GLU C 26 4.74 38.11 -10.37
CA GLU C 26 5.30 37.75 -9.11
C GLU C 26 4.21 37.70 -8.08
N GLN C 27 3.68 36.49 -7.84
CA GLN C 27 2.69 36.30 -6.83
C GLN C 27 2.94 34.95 -6.23
N PRO C 28 3.03 34.96 -4.93
CA PRO C 28 3.16 33.71 -4.23
C PRO C 28 1.78 33.17 -4.13
N VAL C 29 1.62 31.87 -3.83
CA VAL C 29 0.29 31.38 -3.68
C VAL C 29 0.03 31.26 -2.22
N LYS C 30 -1.10 31.83 -1.77
CA LYS C 30 -1.44 31.78 -0.38
C LYS C 30 -2.43 30.68 -0.22
N VAL C 31 -2.30 29.89 0.85
CA VAL C 31 -3.27 28.85 1.06
C VAL C 31 -3.81 29.06 2.43
N SER C 32 -5.14 29.22 2.55
CA SER C 32 -5.70 29.40 3.86
C SER C 32 -5.82 28.05 4.48
N PHE C 33 -5.55 27.95 5.80
CA PHE C 33 -5.64 26.65 6.39
C PHE C 33 -6.49 26.80 7.62
N LYS C 34 -7.40 25.83 7.85
CA LYS C 34 -8.25 25.87 9.00
C LYS C 34 -8.34 24.47 9.50
N TYR C 35 -8.53 24.28 10.81
CA TYR C 35 -8.64 22.93 11.31
C TYR C 35 -9.94 22.79 11.99
N SER C 36 -10.64 21.69 11.71
CA SER C 36 -11.83 21.43 12.45
C SER C 36 -11.50 20.20 13.21
N LEU C 37 -11.31 20.32 14.53
CA LEU C 37 -10.95 19.19 15.34
C LEU C 37 -12.19 18.42 15.62
N GLN C 38 -12.35 17.27 14.94
CA GLN C 38 -13.50 16.43 15.15
C GLN C 38 -13.42 15.70 16.46
N ASP C 39 -12.25 15.08 16.78
CA ASP C 39 -12.23 14.35 18.01
C ASP C 39 -10.83 13.88 18.30
N ILE C 40 -10.54 13.67 19.60
CA ILE C 40 -9.28 13.12 19.99
C ILE C 40 -9.59 11.69 20.30
N TYR C 41 -9.32 10.80 19.32
CA TYR C 41 -9.68 9.43 19.41
C TYR C 41 -8.93 8.70 20.49
N THR C 42 -7.60 8.80 20.52
CA THR C 42 -6.95 7.98 21.50
C THR C 42 -5.65 8.56 21.94
N ALA C 43 -5.15 8.05 23.09
CA ALA C 43 -3.88 8.46 23.60
C ALA C 43 -3.16 7.20 23.96
N ASP C 44 -1.83 7.16 23.68
CA ASP C 44 -1.06 5.99 24.02
C ASP C 44 0.06 6.44 24.90
N VAL C 45 0.05 6.01 26.18
CA VAL C 45 1.05 6.40 27.13
C VAL C 45 2.40 5.84 26.80
N GLY C 46 2.45 4.54 26.44
CA GLY C 46 3.73 3.95 26.18
C GLY C 46 4.33 4.55 24.95
N THR C 47 3.51 4.69 23.89
CA THR C 47 3.90 5.21 22.61
C THR C 47 4.15 6.69 22.70
N ASP C 48 3.37 7.40 23.55
CA ASP C 48 3.44 8.82 23.62
C ASP C 48 3.00 9.39 22.30
N GLN C 49 1.95 8.79 21.71
CA GLN C 49 1.40 9.31 20.49
C GLN C 49 -0.07 9.53 20.75
N VAL C 50 -0.66 10.53 20.06
CA VAL C 50 -2.04 10.82 20.25
C VAL C 50 -2.69 10.82 18.90
N GLU C 51 -3.99 10.47 18.84
CA GLU C 51 -4.62 10.42 17.55
C GLU C 51 -5.68 11.45 17.47
N LEU C 52 -5.71 12.18 16.34
CA LEU C 52 -6.66 13.24 16.17
C LEU C 52 -7.44 12.93 14.94
N GLY C 53 -8.76 13.20 14.99
CA GLY C 53 -9.58 13.09 13.83
C GLY C 53 -9.88 14.52 13.52
N LEU C 54 -9.42 15.00 12.34
CA LEU C 54 -9.54 16.38 11.95
C LEU C 54 -9.95 16.43 10.52
N TRP C 55 -10.53 17.57 10.09
CA TRP C 55 -10.65 17.74 8.68
C TRP C 55 -9.93 19.02 8.41
N LEU C 56 -9.22 19.10 7.28
CA LEU C 56 -8.41 20.27 7.03
C LEU C 56 -9.07 21.06 5.95
N VAL C 57 -9.31 22.37 6.20
CA VAL C 57 -9.90 23.17 5.18
C VAL C 57 -8.78 23.84 4.47
N ILE C 58 -8.70 23.64 3.14
CA ILE C 58 -7.62 24.26 2.43
C ILE C 58 -8.20 25.03 1.29
N SER C 59 -7.78 26.29 1.12
CA SER C 59 -8.31 27.04 0.03
C SER C 59 -7.19 27.72 -0.68
N TRP C 60 -7.27 27.76 -2.02
CA TRP C 60 -6.25 28.44 -2.78
C TRP C 60 -6.87 28.87 -4.07
N LYS C 61 -6.21 29.83 -4.75
CA LYS C 61 -6.73 30.27 -6.01
C LYS C 61 -5.75 29.87 -7.06
N ASP C 62 -6.26 29.24 -8.13
CA ASP C 62 -5.45 28.85 -9.23
C ASP C 62 -5.91 29.68 -10.38
N ARG C 63 -5.03 29.87 -11.39
CA ARG C 63 -5.40 30.67 -12.51
C ARG C 63 -6.00 29.75 -13.52
N SER C 64 -7.21 30.09 -14.03
CA SER C 64 -7.83 29.24 -15.00
C SER C 64 -8.14 30.10 -16.17
N LEU C 65 -8.33 29.49 -17.36
CA LEU C 65 -8.64 30.29 -18.51
C LEU C 65 -10.05 30.01 -18.91
N SER C 66 -10.78 31.05 -19.34
CA SER C 66 -12.13 30.82 -19.79
C SER C 66 -12.09 30.87 -21.29
N TRP C 67 -12.18 29.71 -21.95
CA TRP C 67 -12.18 29.74 -23.38
C TRP C 67 -13.53 30.07 -23.91
N SER C 68 -14.50 29.17 -23.62
CA SER C 68 -15.81 29.37 -24.14
C SER C 68 -16.40 30.43 -23.29
N ASN C 69 -17.23 31.30 -23.90
CA ASN C 69 -17.77 32.36 -23.12
C ASN C 69 -18.59 31.73 -22.05
N GLU C 70 -18.31 32.10 -20.79
CA GLU C 70 -19.07 31.50 -19.75
C GLU C 70 -20.44 32.06 -19.79
N CYS C 71 -21.44 31.16 -19.73
CA CYS C 71 -22.81 31.57 -19.70
C CYS C 71 -23.28 31.12 -18.36
N THR C 72 -24.53 31.45 -18.00
CA THR C 72 -24.98 30.99 -16.72
C THR C 72 -24.93 29.51 -16.79
N THR C 73 -24.02 28.91 -16.00
CA THR C 73 -23.87 27.49 -16.08
C THR C 73 -23.48 27.00 -14.72
N PHE C 74 -22.91 25.79 -14.69
CA PHE C 74 -22.48 25.09 -13.51
C PHE C 74 -21.30 25.84 -12.99
N ASN C 75 -21.52 26.56 -11.87
CA ASN C 75 -20.54 27.42 -11.24
C ASN C 75 -19.42 26.66 -10.60
N GLU C 76 -19.76 25.61 -9.82
CA GLU C 76 -18.74 24.89 -9.13
C GLU C 76 -18.84 23.49 -9.58
N LEU C 77 -17.70 22.86 -9.88
CA LEU C 77 -17.71 21.47 -10.26
C LEU C 77 -16.88 20.73 -9.28
N THR C 78 -17.19 19.45 -9.08
CA THR C 78 -16.42 18.67 -8.16
C THR C 78 -15.58 17.74 -8.96
N LEU C 79 -14.31 17.57 -8.54
CA LEU C 79 -13.42 16.68 -9.25
C LEU C 79 -12.53 16.02 -8.25
N PRO C 80 -11.90 14.96 -8.66
CA PRO C 80 -11.00 14.28 -7.78
C PRO C 80 -9.78 15.11 -7.57
N SER C 81 -9.15 14.99 -6.38
CA SER C 81 -8.02 15.78 -6.02
C SER C 81 -6.87 15.46 -6.93
N LYS C 82 -6.83 14.23 -7.46
CA LYS C 82 -5.74 13.82 -8.29
C LYS C 82 -5.69 14.68 -9.51
N TYR C 83 -6.86 15.13 -9.99
CA TYR C 83 -6.95 15.88 -11.20
C TYR C 83 -6.16 17.16 -11.09
N ILE C 84 -6.20 17.84 -9.93
CA ILE C 84 -5.54 19.12 -9.85
C ILE C 84 -4.46 19.08 -8.82
N TRP C 85 -3.56 20.09 -8.88
CA TRP C 85 -2.45 20.22 -7.98
C TRP C 85 -2.95 20.59 -6.62
N LEU C 86 -2.36 19.97 -5.57
CA LEU C 86 -2.73 20.27 -4.21
C LEU C 86 -1.48 20.63 -3.48
N PRO C 87 -1.64 21.35 -2.40
CA PRO C 87 -0.50 21.73 -1.61
C PRO C 87 0.04 20.60 -0.77
N HIS C 88 1.33 20.69 -0.45
CA HIS C 88 2.19 19.78 0.28
C HIS C 88 1.97 19.75 1.75
N ILE C 89 1.09 20.61 2.33
CA ILE C 89 0.94 20.72 3.76
C ILE C 89 0.94 19.39 4.46
N GLU C 90 1.87 19.26 5.43
CA GLU C 90 1.94 18.03 6.16
C GLU C 90 2.29 18.32 7.59
N VAL C 91 1.98 17.35 8.47
CA VAL C 91 2.27 17.48 9.87
C VAL C 91 3.73 17.23 10.05
N TYR C 92 4.41 18.11 10.81
CA TYR C 92 5.82 17.95 10.98
C TYR C 92 6.12 16.71 11.76
N ASN C 93 5.39 16.46 12.87
CA ASN C 93 5.75 15.30 13.62
C ASN C 93 4.65 14.30 13.64
N SER C 94 4.45 13.59 12.51
CA SER C 94 3.45 12.57 12.53
C SER C 94 4.19 11.30 12.74
N ILE C 95 3.72 10.48 13.69
CA ILE C 95 4.37 9.22 13.92
C ILE C 95 4.14 8.31 12.75
N GLY C 96 2.91 8.32 12.19
CA GLY C 96 2.66 7.42 11.09
C GLY C 96 2.02 8.18 9.98
N LYS C 97 1.88 7.50 8.82
CA LYS C 97 1.26 8.10 7.67
C LYS C 97 -0.16 8.36 8.04
N PRO C 98 -0.63 9.52 7.68
CA PRO C 98 -1.98 9.83 8.00
C PRO C 98 -2.90 9.03 7.15
N GLY C 99 -4.11 8.72 7.64
CA GLY C 99 -5.05 7.96 6.87
C GLY C 99 -6.09 8.94 6.42
N ILE C 100 -6.83 8.59 5.34
CA ILE C 100 -7.78 9.52 4.82
C ILE C 100 -9.17 8.99 5.04
N HIS C 101 -9.97 9.76 5.80
CA HIS C 101 -11.34 9.44 6.08
C HIS C 101 -12.20 9.62 4.87
N SER C 102 -12.01 10.73 4.12
CA SER C 102 -12.96 11.03 3.08
C SER C 102 -12.36 10.87 1.72
N ASP C 103 -13.22 10.85 0.69
CA ASP C 103 -12.72 10.70 -0.65
C ASP C 103 -12.04 11.96 -1.01
N GLN C 104 -11.11 11.88 -1.97
CA GLN C 104 -10.42 13.09 -2.34
C GLN C 104 -11.20 13.76 -3.43
N LEU C 105 -12.06 14.71 -3.03
CA LEU C 105 -12.84 15.44 -3.98
C LEU C 105 -12.65 16.88 -3.65
N VAL C 106 -12.55 17.74 -4.68
CA VAL C 106 -12.35 19.13 -4.40
C VAL C 106 -13.31 19.91 -5.24
N ARG C 107 -13.91 20.97 -4.66
CA ARG C 107 -14.81 21.79 -5.42
C ARG C 107 -14.00 22.88 -6.02
N VAL C 108 -14.29 23.22 -7.29
CA VAL C 108 -13.55 24.27 -7.93
C VAL C 108 -14.55 25.31 -8.34
N TYR C 109 -14.09 26.57 -8.45
CA TYR C 109 -14.99 27.63 -8.77
C TYR C 109 -14.43 28.31 -9.99
N LYS C 110 -15.29 29.04 -10.70
CA LYS C 110 -14.96 29.68 -11.94
C LYS C 110 -13.87 30.68 -11.72
N ASP C 111 -13.90 31.38 -10.57
CA ASP C 111 -12.89 32.37 -10.31
C ASP C 111 -11.57 31.69 -10.25
N GLY C 112 -11.58 30.36 -10.01
CA GLY C 112 -10.35 29.64 -9.96
C GLY C 112 -10.13 29.19 -8.55
N THR C 113 -10.99 29.64 -7.62
CA THR C 113 -10.80 29.25 -6.25
C THR C 113 -11.10 27.80 -6.11
N VAL C 114 -10.34 27.13 -5.23
CA VAL C 114 -10.53 25.72 -5.03
C VAL C 114 -10.65 25.47 -3.56
N THR C 115 -11.59 24.59 -3.17
CA THR C 115 -11.73 24.26 -1.78
C THR C 115 -11.61 22.79 -1.65
N PHE C 116 -10.62 22.33 -0.86
CA PHE C 116 -10.40 20.92 -0.68
C PHE C 116 -10.38 20.66 0.79
N VAL C 117 -11.20 19.70 1.27
CA VAL C 117 -11.16 19.42 2.67
C VAL C 117 -11.07 17.94 2.88
N PRO C 118 -9.92 17.49 3.27
CA PRO C 118 -9.76 16.09 3.55
C PRO C 118 -10.10 15.82 4.98
N GLN C 119 -10.49 14.58 5.30
CA GLN C 119 -10.68 14.22 6.67
C GLN C 119 -9.53 13.33 6.97
N TYR C 120 -8.89 13.51 8.14
CA TYR C 120 -7.72 12.74 8.40
C TYR C 120 -7.74 12.23 9.80
N THR C 121 -6.99 11.13 10.01
CA THR C 121 -6.71 10.62 11.31
C THR C 121 -5.23 10.74 11.39
N ILE C 122 -4.70 11.45 12.39
CA ILE C 122 -3.29 11.65 12.39
C ILE C 122 -2.76 11.24 13.72
N ARG C 123 -1.59 10.60 13.70
CA ARG C 123 -0.96 10.22 14.92
C ARG C 123 0.28 11.04 15.04
N PHE C 124 0.41 11.80 16.14
CA PHE C 124 1.57 12.63 16.27
C PHE C 124 2.13 12.47 17.64
N SER C 125 3.40 12.87 17.82
CA SER C 125 4.03 12.69 19.09
C SER C 125 3.48 13.67 20.07
N CYS C 126 3.14 13.16 21.27
CA CYS C 126 2.71 14.01 22.34
C CYS C 126 2.59 13.17 23.57
N ALA C 127 3.10 13.69 24.71
CA ALA C 127 2.99 12.95 25.93
C ALA C 127 1.63 13.16 26.51
N LEU C 128 0.94 12.05 26.80
CA LEU C 128 -0.37 11.97 27.37
C LEU C 128 -0.34 12.28 28.82
N GLU C 129 0.82 12.12 29.48
CA GLU C 129 0.98 12.24 30.91
C GLU C 129 0.20 13.39 31.46
N ASN C 130 -0.47 13.12 32.61
CA ASN C 130 -1.27 14.04 33.35
C ASN C 130 -2.52 14.45 32.61
N VAL C 131 -3.07 13.56 31.74
CA VAL C 131 -4.32 13.89 31.09
C VAL C 131 -5.39 13.96 32.13
N THR C 132 -5.32 13.06 33.13
CA THR C 132 -6.32 12.96 34.15
C THR C 132 -6.34 14.19 35.01
N THR C 133 -5.17 14.81 35.24
CA THR C 133 -5.12 15.94 36.12
C THR C 133 -5.96 17.04 35.58
N GLU C 134 -6.35 17.97 36.47
CA GLU C 134 -7.20 19.08 36.14
C GLU C 134 -6.48 19.96 35.17
N GLN C 135 -5.16 20.13 35.33
CA GLN C 135 -4.44 21.00 34.45
C GLN C 135 -4.56 20.48 33.06
N GLY C 136 -4.51 19.15 32.90
CA GLY C 136 -4.63 18.59 31.59
C GLY C 136 -3.28 18.52 30.97
N ALA C 137 -3.23 18.36 29.62
CA ALA C 137 -1.96 18.23 28.96
C ALA C 137 -2.01 19.06 27.72
N ALA C 138 -0.82 19.42 27.19
CA ALA C 138 -0.80 20.23 26.00
C ALA C 138 -0.01 19.49 24.96
N CYS C 139 -0.44 19.62 23.69
CA CYS C 139 0.25 18.98 22.61
C CYS C 139 0.33 20.00 21.52
N THR C 140 1.38 19.92 20.69
CA THR C 140 1.48 20.83 19.59
C THR C 140 1.94 20.08 18.40
N LEU C 141 1.40 20.43 17.22
CA LEU C 141 1.85 19.85 15.99
C LEU C 141 1.85 20.98 15.01
N LYS C 142 2.84 21.03 14.11
CA LYS C 142 2.85 22.13 13.20
C LYS C 142 2.59 21.62 11.83
N PHE C 143 1.77 22.37 11.06
CA PHE C 143 1.47 21.96 9.72
C PHE C 143 2.03 23.01 8.83
N GLY C 144 2.50 22.62 7.63
CA GLY C 144 3.04 23.61 6.75
C GLY C 144 3.68 22.87 5.61
N PRO C 145 3.87 23.60 4.53
CA PRO C 145 4.47 23.05 3.33
C PRO C 145 5.80 22.50 3.70
N TRP C 146 6.13 21.27 3.23
CA TRP C 146 7.42 20.78 3.58
C TRP C 146 8.47 21.51 2.80
N THR C 147 8.35 21.50 1.45
CA THR C 147 9.29 22.09 0.53
C THR C 147 9.22 23.59 0.44
N TYR C 148 7.99 24.13 0.37
CA TYR C 148 7.78 25.51 0.02
C TYR C 148 8.20 26.44 1.12
N ASP C 149 8.95 27.48 0.73
CA ASP C 149 9.34 28.51 1.65
C ASP C 149 8.23 29.51 1.67
N VAL C 150 8.35 30.54 2.52
CA VAL C 150 7.35 31.54 2.66
C VAL C 150 7.18 32.21 1.34
N ARG C 151 8.28 32.36 0.59
CA ARG C 151 8.16 33.02 -0.68
C ARG C 151 7.20 32.29 -1.56
N ASP C 152 7.37 30.96 -1.72
CA ASP C 152 6.52 30.28 -2.64
C ASP C 152 5.13 30.15 -2.12
N LEU C 153 4.97 29.73 -0.85
CA LEU C 153 3.64 29.51 -0.35
C LEU C 153 3.47 30.31 0.91
N VAL C 154 2.32 31.02 1.00
CA VAL C 154 2.06 31.78 2.19
C VAL C 154 0.87 31.12 2.83
N LEU C 155 0.92 30.92 4.15
CA LEU C 155 -0.18 30.26 4.82
C LEU C 155 -0.92 31.30 5.60
N ASP C 156 -2.27 31.21 5.60
CA ASP C 156 -3.08 32.15 6.32
C ASP C 156 -4.14 31.40 7.06
N GLU C 157 -4.62 31.96 8.20
CA GLU C 157 -5.69 31.32 8.92
C GLU C 157 -6.70 32.36 9.30
N SER C 158 -8.00 31.98 9.22
CA SER C 158 -9.07 32.85 9.60
C SER C 158 -9.20 32.92 11.10
N GLN C 159 -9.23 31.75 11.79
CA GLN C 159 -9.51 31.76 13.20
C GLN C 159 -8.62 30.78 13.92
N GLN C 160 -8.79 30.69 15.27
CA GLN C 160 -7.96 29.85 16.11
C GLN C 160 -8.13 28.38 15.87
N VAL C 161 -9.33 27.79 16.11
CA VAL C 161 -9.60 26.39 15.91
C VAL C 161 -11.09 26.18 15.99
N ASP C 162 -11.65 25.23 15.20
CA ASP C 162 -13.07 25.02 15.16
C ASP C 162 -13.47 23.89 16.07
N LEU C 163 -13.95 24.25 17.27
CA LEU C 163 -14.43 23.40 18.32
C LEU C 163 -15.82 22.89 18.08
N THR C 164 -16.65 23.64 17.33
CA THR C 164 -18.07 23.37 17.24
C THR C 164 -18.35 21.96 16.80
N THR C 165 -17.59 21.45 15.81
CA THR C 165 -17.79 20.15 15.25
C THR C 165 -17.46 19.08 16.26
N TYR C 166 -16.57 19.39 17.21
CA TYR C 166 -16.04 18.48 18.19
C TYR C 166 -17.15 17.62 18.75
N ALA C 167 -16.90 16.29 18.84
CA ALA C 167 -17.88 15.36 19.29
C ALA C 167 -18.21 15.63 20.72
N GLY C 168 -19.52 15.60 21.04
CA GLY C 168 -20.00 15.93 22.34
C GLY C 168 -19.50 14.93 23.35
N GLY C 169 -19.59 13.62 23.04
CA GLY C 169 -19.16 12.69 24.04
C GLY C 169 -17.88 12.10 23.59
N GLU C 170 -16.82 12.93 23.54
CA GLU C 170 -15.54 12.45 23.16
C GLU C 170 -14.88 11.99 24.42
N ARG C 171 -13.87 11.12 24.29
CA ARG C 171 -13.18 10.63 25.44
C ARG C 171 -12.51 11.79 26.10
N PHE C 172 -11.98 12.75 25.32
CA PHE C 172 -11.27 13.81 25.96
C PHE C 172 -11.96 15.11 25.71
N GLN C 173 -11.98 15.98 26.74
CA GLN C 173 -12.55 17.30 26.68
C GLN C 173 -11.51 18.21 26.11
N LEU C 174 -11.95 19.29 25.44
CA LEU C 174 -11.03 20.21 24.83
C LEU C 174 -10.93 21.43 25.69
N ILE C 175 -9.78 21.66 26.36
CA ILE C 175 -9.71 22.89 27.07
C ILE C 175 -9.53 24.05 26.12
N GLU C 176 -8.63 23.95 25.11
CA GLU C 176 -8.58 25.01 24.14
C GLU C 176 -7.82 24.56 22.94
N ALA C 177 -8.30 24.94 21.74
CA ALA C 177 -7.63 24.57 20.53
C ALA C 177 -7.18 25.84 19.88
N LYS C 178 -5.90 25.91 19.48
CA LYS C 178 -5.44 27.12 18.88
C LYS C 178 -4.65 26.79 17.65
N GLN C 179 -4.69 27.70 16.66
CA GLN C 179 -3.91 27.55 15.47
C GLN C 179 -3.22 28.85 15.28
N LYS C 180 -1.93 28.93 15.68
CA LYS C 180 -1.27 30.19 15.51
C LYS C 180 -0.33 30.04 14.38
N VAL C 181 -0.29 31.05 13.50
CA VAL C 181 0.62 30.99 12.39
C VAL C 181 1.93 31.50 12.84
N ASN C 182 3.00 30.83 12.40
CA ASN C 182 4.30 31.30 12.75
C ASN C 182 5.20 31.05 11.58
N LYS C 183 6.27 31.86 11.50
CA LYS C 183 7.26 31.73 10.47
C LYS C 183 8.49 31.30 11.19
N LYS C 184 9.25 30.35 10.61
CA LYS C 184 10.38 29.83 11.33
C LYS C 184 11.46 29.59 10.33
N THR C 185 12.70 29.42 10.81
CA THR C 185 13.79 29.18 9.90
C THR C 185 14.39 27.87 10.24
N TYR C 186 15.07 27.25 9.25
CA TYR C 186 15.70 25.98 9.45
C TYR C 186 17.13 26.15 9.05
N PRO C 187 17.98 25.35 9.60
CA PRO C 187 19.37 25.46 9.27
C PRO C 187 19.63 25.10 7.83
N CYS C 188 18.70 24.35 7.20
CA CYS C 188 18.90 23.95 5.84
C CYS C 188 18.91 25.15 4.97
N CYS C 189 18.04 26.12 5.28
CA CYS C 189 17.80 27.09 4.26
C CYS C 189 17.63 28.45 4.89
N PRO C 190 18.11 29.43 4.17
CA PRO C 190 18.00 30.81 4.59
C PRO C 190 16.61 31.37 4.46
N GLN C 191 15.71 30.69 3.74
CA GLN C 191 14.39 31.20 3.51
C GLN C 191 13.54 30.97 4.73
N SER C 192 12.55 31.85 4.97
CA SER C 192 11.66 31.66 6.06
C SER C 192 10.61 30.69 5.61
N PHE C 193 10.10 29.88 6.56
CA PHE C 193 9.07 28.94 6.22
C PHE C 193 7.93 29.21 7.14
N GLU C 194 6.68 29.10 6.65
CA GLU C 194 5.57 29.37 7.53
C GLU C 194 4.82 28.10 7.79
N ASP C 195 4.42 27.90 9.05
CA ASP C 195 3.66 26.75 9.43
C ASP C 195 2.59 27.19 10.38
N ILE C 196 1.54 26.36 10.53
CA ILE C 196 0.53 26.71 11.50
C ILE C 196 0.74 25.76 12.62
N GLU C 197 0.86 26.27 13.85
CA GLU C 197 1.09 25.38 14.95
C GLU C 197 -0.24 25.16 15.59
N LEU C 198 -0.66 23.89 15.64
CA LEU C 198 -1.92 23.60 16.23
C LEU C 198 -1.61 23.14 17.61
N ARG C 199 -2.04 23.93 18.62
CA ARG C 199 -1.76 23.52 19.96
C ARG C 199 -3.07 23.19 20.59
N VAL C 200 -3.22 21.92 20.99
CA VAL C 200 -4.46 21.56 21.61
C VAL C 200 -4.20 21.21 23.02
N THR C 201 -5.04 21.74 23.91
CA THR C 201 -4.89 21.39 25.28
C THR C 201 -6.16 20.71 25.68
N PHE C 202 -6.04 19.45 26.14
CA PHE C 202 -7.21 18.69 26.45
C PHE C 202 -6.96 17.83 27.64
N LYS C 203 -8.06 17.30 28.21
CA LYS C 203 -7.98 16.45 29.36
C LYS C 203 -9.13 15.50 29.28
N LYS C 204 -9.09 14.41 30.09
CA LYS C 204 -10.20 13.50 30.15
C LYS C 204 -11.32 14.21 30.84
N ILE C 205 -12.55 13.96 30.38
CA ILE C 205 -13.69 14.61 30.96
C ILE C 205 -13.69 14.41 32.47
N THR D 1 2.35 31.29 -10.57
CA THR D 1 2.49 32.70 -10.12
C THR D 1 3.41 33.45 -11.01
N LYS D 2 4.72 33.41 -10.70
CA LYS D 2 5.65 34.15 -11.50
C LYS D 2 5.91 33.38 -12.75
N LYS D 3 5.83 34.07 -13.90
CA LYS D 3 6.06 33.46 -15.17
C LYS D 3 7.50 33.05 -15.25
N SER D 4 8.39 33.89 -14.68
CA SER D 4 9.80 33.61 -14.76
C SER D 4 10.09 32.31 -14.09
N ARG D 5 9.48 32.07 -12.91
CA ARG D 5 9.68 30.86 -12.18
C ARG D 5 9.15 29.71 -12.97
N GLU D 6 7.99 29.94 -13.64
CA GLU D 6 7.30 28.90 -14.33
C GLU D 6 8.16 28.33 -15.41
N GLU D 7 8.88 29.18 -16.16
CA GLU D 7 9.69 28.68 -17.23
C GLU D 7 10.77 27.82 -16.67
N ILE D 8 11.28 28.18 -15.47
CA ILE D 8 12.40 27.48 -14.89
C ILE D 8 12.03 26.04 -14.69
N VAL D 9 10.87 25.80 -14.06
CA VAL D 9 10.46 24.47 -13.70
C VAL D 9 10.34 23.65 -14.95
N LYS D 10 9.63 24.21 -15.94
CA LYS D 10 9.30 23.52 -17.15
C LYS D 10 10.55 23.15 -17.87
N GLU D 11 11.51 24.09 -17.95
CA GLU D 11 12.70 23.82 -18.69
C GLU D 11 13.43 22.68 -18.04
N ILE D 12 13.64 22.74 -16.72
CA ILE D 12 14.40 21.69 -16.12
C ILE D 12 13.66 20.39 -16.20
N LEU D 13 12.36 20.39 -15.86
CA LEU D 13 11.60 19.17 -15.83
C LEU D 13 11.37 18.61 -17.19
N GLY D 14 10.86 19.43 -18.13
CA GLY D 14 10.52 18.89 -19.42
C GLY D 14 11.71 18.52 -20.25
N ARG D 15 12.59 19.51 -20.55
CA ARG D 15 13.73 19.30 -21.41
C ARG D 15 14.97 18.73 -20.74
N ALA D 16 15.29 19.15 -19.49
CA ALA D 16 16.59 18.88 -18.94
C ALA D 16 17.04 17.41 -18.82
N ASN D 17 16.33 16.41 -18.21
CA ASN D 17 16.97 15.10 -18.15
C ASN D 17 16.10 14.03 -17.51
N PRO D 18 16.30 12.82 -18.00
CA PRO D 18 15.66 11.61 -17.49
C PRO D 18 16.51 10.97 -16.44
N ASN D 19 16.03 9.91 -15.76
CA ASN D 19 16.84 9.26 -14.78
C ASN D 19 18.06 8.76 -15.49
N ASN D 20 19.21 9.38 -15.17
CA ASN D 20 20.46 9.04 -15.76
C ASN D 20 21.43 9.89 -15.01
N ILE D 21 22.70 9.45 -14.87
CA ILE D 21 23.63 10.29 -14.18
C ILE D 21 24.21 11.16 -15.25
N PRO D 22 23.87 12.41 -15.16
CA PRO D 22 24.22 13.43 -16.13
C PRO D 22 25.69 13.65 -16.24
N ILE D 23 26.51 13.17 -15.29
CA ILE D 23 27.90 13.51 -15.28
C ILE D 23 28.72 12.47 -16.00
N VAL D 24 29.18 12.84 -17.22
CA VAL D 24 29.98 12.03 -18.10
C VAL D 24 31.41 11.89 -17.64
N ASP D 25 32.01 12.95 -17.08
CA ASP D 25 33.42 12.91 -16.77
C ASP D 25 33.60 11.97 -15.60
N GLU D 26 34.85 11.59 -15.27
CA GLU D 26 34.94 10.66 -14.18
C GLU D 26 34.76 11.40 -12.89
N GLN D 27 33.52 11.39 -12.38
CA GLN D 27 33.22 11.99 -11.12
C GLN D 27 32.18 11.14 -10.48
N PRO D 28 32.46 10.76 -9.26
CA PRO D 28 31.49 10.04 -8.50
C PRO D 28 30.57 11.07 -7.95
N VAL D 29 29.37 10.69 -7.48
CA VAL D 29 28.54 11.69 -6.92
C VAL D 29 28.63 11.54 -5.44
N LYS D 30 28.90 12.67 -4.74
CA LYS D 30 29.02 12.63 -3.32
C LYS D 30 27.71 13.09 -2.77
N VAL D 31 27.22 12.45 -1.70
CA VAL D 31 26.01 12.91 -1.11
C VAL D 31 26.30 13.16 0.32
N SER D 32 26.05 14.40 0.81
CA SER D 32 26.31 14.65 2.19
C SER D 32 25.14 14.14 2.96
N PHE D 33 25.38 13.56 4.15
CA PHE D 33 24.27 13.05 4.88
C PHE D 33 24.39 13.59 6.27
N LYS D 34 23.24 14.01 6.85
CA LYS D 34 23.25 14.54 8.20
C LYS D 34 22.01 14.00 8.84
N TYR D 35 22.03 13.79 10.16
CA TYR D 35 20.85 13.30 10.81
C TYR D 35 20.44 14.27 11.85
N SER D 36 19.14 14.58 11.89
CA SER D 36 18.68 15.40 12.97
C SER D 36 17.78 14.48 13.73
N LEU D 37 18.22 14.05 14.92
CA LEU D 37 17.44 13.14 15.71
C LEU D 37 16.41 13.93 16.41
N GLN D 38 15.14 13.83 15.94
CA GLN D 38 14.05 14.51 16.55
C GLN D 38 13.65 13.88 17.85
N ASP D 39 13.49 12.53 17.89
CA ASP D 39 13.06 11.96 19.13
C ASP D 39 13.12 10.46 19.06
N ILE D 40 13.28 9.83 20.24
CA ILE D 40 13.23 8.39 20.30
C ILE D 40 11.87 8.10 20.84
N TYR D 41 10.94 7.77 19.92
CA TYR D 41 9.56 7.59 20.25
C TYR D 41 9.34 6.41 21.15
N THR D 42 9.86 5.22 20.78
CA THR D 42 9.47 4.12 21.62
C THR D 42 10.51 3.04 21.61
N ALA D 43 10.42 2.14 22.61
CA ALA D 43 11.30 1.01 22.69
C ALA D 43 10.43 -0.18 22.95
N ASP D 44 10.75 -1.32 22.32
CA ASP D 44 9.97 -2.51 22.55
C ASP D 44 10.91 -3.57 23.01
N VAL D 45 10.76 -4.01 24.29
CA VAL D 45 11.62 -5.00 24.86
C VAL D 45 11.46 -6.34 24.22
N GLY D 46 10.20 -6.77 24.00
CA GLY D 46 9.99 -8.08 23.44
C GLY D 46 10.50 -8.12 22.04
N THR D 47 10.16 -7.08 21.25
CA THR D 47 10.52 -6.95 19.87
C THR D 47 11.98 -6.67 19.73
N ASP D 48 12.56 -5.91 20.68
CA ASP D 48 13.93 -5.49 20.57
C ASP D 48 14.06 -4.58 19.39
N GLN D 49 13.05 -3.71 19.19
CA GLN D 49 13.13 -2.74 18.13
C GLN D 49 12.93 -1.40 18.77
N VAL D 50 13.54 -0.35 18.18
CA VAL D 50 13.41 0.96 18.72
C VAL D 50 12.95 1.86 17.62
N GLU D 51 12.20 2.93 17.98
CA GLU D 51 11.70 3.78 16.93
C GLU D 51 12.31 5.14 17.05
N LEU D 52 12.76 5.67 15.91
CA LEU D 52 13.41 6.95 15.90
C LEU D 52 12.65 7.84 14.99
N GLY D 53 12.49 9.11 15.38
CA GLY D 53 11.90 10.09 14.52
C GLY D 53 13.07 10.95 14.16
N LEU D 54 13.44 10.97 12.86
CA LEU D 54 14.60 11.65 12.37
C LEU D 54 14.24 12.38 11.12
N TRP D 55 15.04 13.41 10.76
CA TRP D 55 14.87 13.91 9.43
C TRP D 55 16.23 13.76 8.83
N LEU D 56 16.32 13.41 7.54
CA LEU D 56 17.60 13.16 6.96
C LEU D 56 17.92 14.28 6.03
N VAL D 57 19.10 14.90 6.20
CA VAL D 57 19.47 15.95 5.31
C VAL D 57 20.30 15.34 4.24
N ILE D 58 19.88 15.51 2.97
CA ILE D 58 20.64 14.92 1.93
C ILE D 58 20.96 15.97 0.92
N SER D 59 22.23 16.08 0.51
CA SER D 59 22.55 17.09 -0.46
C SER D 59 23.38 16.47 -1.53
N TRP D 60 23.14 16.86 -2.79
CA TRP D 60 23.93 16.37 -3.87
C TRP D 60 23.89 17.37 -4.98
N LYS D 61 24.86 17.28 -5.91
CA LYS D 61 24.85 18.19 -7.00
C LYS D 61 24.58 17.41 -8.24
N ASP D 62 23.62 17.90 -9.05
CA ASP D 62 23.29 17.29 -10.29
C ASP D 62 23.69 18.26 -11.35
N ARG D 63 23.94 17.77 -12.58
CA ARG D 63 24.36 18.65 -13.62
C ARG D 63 23.12 19.10 -14.31
N SER D 64 22.94 20.43 -14.49
CA SER D 64 21.77 20.93 -15.14
C SER D 64 22.25 21.78 -16.26
N LEU D 65 21.39 22.01 -17.27
CA LEU D 65 21.80 22.84 -18.37
C LEU D 65 21.02 24.11 -18.31
N SER D 66 21.68 25.24 -18.63
CA SER D 66 20.96 26.48 -18.65
C SER D 66 20.72 26.82 -20.09
N TRP D 67 19.48 26.65 -20.57
CA TRP D 67 19.23 26.99 -21.94
C TRP D 67 19.01 28.45 -22.09
N SER D 68 17.93 28.94 -21.44
CA SER D 68 17.60 30.33 -21.58
C SER D 68 18.57 31.04 -20.71
N ASN D 69 19.01 32.23 -21.15
CA ASN D 69 19.98 32.92 -20.37
C ASN D 69 19.35 33.18 -19.05
N GLU D 70 20.03 32.78 -17.97
CA GLU D 70 19.43 33.00 -16.69
C GLU D 70 19.51 34.46 -16.40
N CYS D 71 18.37 35.03 -15.96
CA CYS D 71 18.34 36.40 -15.58
C CYS D 71 18.05 36.37 -14.13
N THR D 72 18.04 37.54 -13.46
CA THR D 72 17.72 37.48 -12.06
C THR D 72 16.33 36.93 -11.99
N THR D 73 16.23 35.71 -11.44
CA THR D 73 14.94 35.09 -11.40
C THR D 73 14.87 34.25 -10.16
N PHE D 74 13.93 33.29 -10.17
CA PHE D 74 13.63 32.38 -9.10
C PHE D 74 14.81 31.45 -9.02
N ASN D 75 15.64 31.64 -7.97
CA ASN D 75 16.86 30.92 -7.74
C ASN D 75 16.63 29.49 -7.37
N GLU D 76 15.70 29.25 -6.42
CA GLU D 76 15.49 27.91 -5.98
C GLU D 76 14.06 27.60 -6.23
N LEU D 77 13.77 26.41 -6.78
CA LEU D 77 12.41 26.03 -6.98
C LEU D 77 12.17 24.78 -6.21
N THR D 78 10.92 24.56 -5.79
CA THR D 78 10.62 23.38 -5.06
C THR D 78 9.85 22.47 -5.96
N LEU D 79 10.17 21.16 -5.91
CA LEU D 79 9.50 20.21 -6.73
C LEU D 79 9.36 18.94 -5.97
N PRO D 80 8.48 18.09 -6.43
CA PRO D 80 8.30 16.82 -5.78
C PRO D 80 9.50 15.96 -6.02
N SER D 81 9.81 15.08 -5.05
CA SER D 81 10.98 14.25 -5.11
C SER D 81 10.86 13.31 -6.27
N LYS D 82 9.62 12.95 -6.66
CA LYS D 82 9.42 12.01 -7.71
C LYS D 82 10.00 12.56 -8.98
N TYR D 83 9.95 13.89 -9.15
CA TYR D 83 10.39 14.52 -10.36
C TYR D 83 11.84 14.23 -10.62
N ILE D 84 12.69 14.23 -9.58
CA ILE D 84 14.10 14.07 -9.83
C ILE D 84 14.61 12.84 -9.15
N TRP D 85 15.81 12.39 -9.57
CA TRP D 85 16.46 11.22 -9.05
C TRP D 85 16.91 11.50 -7.65
N LEU D 86 16.73 10.49 -6.75
CA LEU D 86 17.16 10.62 -5.38
C LEU D 86 18.03 9.44 -5.07
N PRO D 87 18.86 9.59 -4.08
CA PRO D 87 19.73 8.51 -3.69
C PRO D 87 19.00 7.44 -2.92
N HIS D 88 19.56 6.21 -3.00
CA HIS D 88 19.13 4.95 -2.46
C HIS D 88 19.32 4.79 -0.98
N ILE D 89 19.95 5.76 -0.28
CA ILE D 89 20.29 5.61 1.12
C ILE D 89 19.19 4.97 1.92
N GLU D 90 19.55 3.86 2.60
CA GLU D 90 18.58 3.18 3.40
C GLU D 90 19.24 2.63 4.63
N VAL D 91 18.41 2.36 5.66
CA VAL D 91 18.91 1.83 6.90
C VAL D 91 19.15 0.38 6.68
N TYR D 92 20.33 -0.11 7.11
CA TYR D 92 20.66 -1.48 6.89
C TYR D 92 19.76 -2.38 7.68
N ASN D 93 19.52 -2.06 8.97
CA ASN D 93 18.70 -2.98 9.71
C ASN D 93 17.43 -2.32 10.15
N SER D 94 16.48 -2.14 9.21
CA SER D 94 15.23 -1.60 9.61
C SER D 94 14.32 -2.77 9.74
N ILE D 95 13.59 -2.85 10.86
CA ILE D 95 12.67 -3.94 11.03
C ILE D 95 11.53 -3.77 10.08
N GLY D 96 11.04 -2.54 9.90
CA GLY D 96 9.92 -2.37 9.01
C GLY D 96 10.19 -1.26 8.06
N LYS D 97 9.29 -1.10 7.07
CA LYS D 97 9.43 -0.07 6.08
C LYS D 97 9.31 1.22 6.82
N PRO D 98 10.16 2.15 6.49
CA PRO D 98 10.10 3.41 7.15
C PRO D 98 8.90 4.16 6.68
N GLY D 99 8.32 5.02 7.53
CA GLY D 99 7.18 5.79 7.15
C GLY D 99 7.67 7.18 6.90
N ILE D 100 6.90 7.98 6.13
CA ILE D 100 7.37 9.30 5.80
C ILE D 100 6.49 10.31 6.47
N HIS D 101 7.10 11.13 7.35
CA HIS D 101 6.43 12.20 8.04
C HIS D 101 6.09 13.33 7.11
N SER D 102 7.03 13.72 6.22
CA SER D 102 6.82 14.93 5.47
C SER D 102 6.58 14.64 4.02
N ASP D 103 6.10 15.65 3.28
CA ASP D 103 5.84 15.47 1.89
C ASP D 103 7.17 15.38 1.21
N GLN D 104 7.19 14.72 0.04
CA GLN D 104 8.46 14.61 -0.63
C GLN D 104 8.61 15.80 -1.52
N LEU D 105 9.31 16.83 -0.99
CA LEU D 105 9.56 18.02 -1.75
C LEU D 105 11.03 18.28 -1.64
N VAL D 106 11.65 18.73 -2.75
CA VAL D 106 13.05 18.98 -2.69
C VAL D 106 13.32 20.32 -3.29
N ARG D 107 14.23 21.10 -2.68
CA ARG D 107 14.55 22.39 -3.23
C ARG D 107 15.71 22.18 -4.15
N VAL D 108 15.69 22.85 -5.32
CA VAL D 108 16.76 22.71 -6.25
C VAL D 108 17.33 24.07 -6.46
N TYR D 109 18.63 24.13 -6.84
CA TYR D 109 19.27 25.38 -7.00
C TYR D 109 19.83 25.40 -8.39
N LYS D 110 20.10 26.62 -8.90
CA LYS D 110 20.57 26.83 -10.24
C LYS D 110 21.88 26.14 -10.44
N ASP D 111 22.74 26.14 -9.42
CA ASP D 111 24.03 25.53 -9.57
C ASP D 111 23.81 24.07 -9.81
N GLY D 112 22.63 23.56 -9.43
CA GLY D 112 22.35 22.17 -9.66
C GLY D 112 22.28 21.49 -8.33
N THR D 113 22.61 22.21 -7.25
CA THR D 113 22.58 21.58 -5.97
C THR D 113 21.16 21.32 -5.59
N VAL D 114 20.95 20.18 -4.89
CA VAL D 114 19.63 19.81 -4.50
C VAL D 114 19.65 19.49 -3.04
N THR D 115 18.62 19.94 -2.31
CA THR D 115 18.54 19.61 -0.91
C THR D 115 17.23 18.96 -0.66
N PHE D 116 17.26 17.72 -0.15
CA PHE D 116 16.07 16.98 0.11
C PHE D 116 16.12 16.52 1.53
N VAL D 117 15.06 16.82 2.32
CA VAL D 117 15.08 16.35 3.67
C VAL D 117 13.78 15.70 4.00
N PRO D 118 13.81 14.41 4.10
CA PRO D 118 12.62 13.70 4.46
C PRO D 118 12.53 13.59 5.95
N GLN D 119 11.32 13.43 6.50
CA GLN D 119 11.20 13.15 7.90
C GLN D 119 10.78 11.72 7.95
N TYR D 120 11.38 10.94 8.86
CA TYR D 120 11.09 9.54 8.86
C TYR D 120 10.88 9.06 10.25
N THR D 121 10.14 7.94 10.35
CA THR D 121 10.00 7.20 11.57
C THR D 121 10.59 5.88 11.20
N ILE D 122 11.62 5.43 11.93
CA ILE D 122 12.24 4.21 11.51
C ILE D 122 12.29 3.29 12.66
N ARG D 123 12.06 2.00 12.38
CA ARG D 123 12.14 1.02 13.40
C ARG D 123 13.31 0.15 13.07
N PHE D 124 14.28 0.05 14.00
CA PHE D 124 15.43 -0.75 13.71
C PHE D 124 15.73 -1.62 14.88
N SER D 125 16.53 -2.67 14.63
CA SER D 125 16.81 -3.61 15.68
C SER D 125 17.74 -2.98 16.68
N CYS D 126 17.41 -3.14 17.97
CA CYS D 126 18.26 -2.69 19.02
C CYS D 126 17.70 -3.17 20.31
N ALA D 127 18.56 -3.72 21.19
CA ALA D 127 18.08 -4.17 22.47
C ALA D 127 17.97 -2.99 23.39
N LEU D 128 16.76 -2.83 23.98
CA LEU D 128 16.40 -1.80 24.91
C LEU D 128 16.98 -2.05 26.25
N GLU D 129 17.32 -3.32 26.56
CA GLU D 129 17.77 -3.75 27.87
C GLU D 129 18.70 -2.76 28.49
N ASN D 130 18.47 -2.52 29.80
CA ASN D 130 19.23 -1.63 30.64
C ASN D 130 19.06 -0.20 30.25
N VAL D 131 17.90 0.19 29.67
CA VAL D 131 17.68 1.59 29.37
C VAL D 131 17.62 2.34 30.66
N THR D 132 17.00 1.74 31.69
CA THR D 132 16.80 2.36 32.96
C THR D 132 18.11 2.62 33.65
N THR D 133 19.08 1.73 33.47
CA THR D 133 20.33 1.87 34.17
C THR D 133 20.98 3.15 33.78
N GLU D 134 21.91 3.62 34.64
CA GLU D 134 22.60 4.85 34.45
C GLU D 134 23.46 4.75 33.23
N GLN D 135 24.06 3.57 32.99
CA GLN D 135 24.93 3.44 31.86
C GLN D 135 24.12 3.69 30.63
N GLY D 136 22.87 3.20 30.60
CA GLY D 136 22.06 3.42 29.44
C GLY D 136 22.29 2.31 28.47
N ALA D 137 21.90 2.53 27.19
CA ALA D 137 22.04 1.48 26.21
C ALA D 137 22.55 2.11 24.95
N ALA D 138 23.16 1.29 24.07
CA ALA D 138 23.67 1.82 22.85
C ALA D 138 23.03 1.09 21.71
N CYS D 139 22.77 1.82 20.61
CA CYS D 139 22.18 1.23 19.45
C CYS D 139 22.94 1.77 18.28
N THR D 140 23.02 0.97 17.20
CA THR D 140 23.68 1.47 16.03
C THR D 140 22.90 1.05 14.84
N LEU D 141 22.82 1.95 13.84
CA LEU D 141 22.18 1.62 12.60
C LEU D 141 23.03 2.25 11.55
N LYS D 142 23.21 1.58 10.40
CA LYS D 142 24.07 2.17 9.41
C LYS D 142 23.23 2.55 8.24
N PHE D 143 23.52 3.72 7.66
CA PHE D 143 22.78 4.18 6.51
C PHE D 143 23.76 4.23 5.39
N GLY D 144 23.31 3.95 4.16
CA GLY D 144 24.22 4.02 3.06
C GLY D 144 23.52 3.45 1.86
N PRO D 145 24.03 3.78 0.70
CA PRO D 145 23.47 3.33 -0.54
C PRO D 145 23.45 1.84 -0.52
N TRP D 146 22.32 1.22 -0.93
CA TRP D 146 22.33 -0.21 -0.91
C TRP D 146 23.19 -0.73 -2.03
N THR D 147 22.87 -0.30 -3.28
CA THR D 147 23.53 -0.73 -4.49
C THR D 147 24.88 -0.11 -4.72
N TYR D 148 24.99 1.21 -4.49
CA TYR D 148 26.14 1.96 -4.90
C TYR D 148 27.35 1.66 -4.08
N ASP D 149 28.49 1.44 -4.78
CA ASP D 149 29.73 1.24 -4.12
C ASP D 149 30.32 2.60 -3.89
N VAL D 150 31.48 2.64 -3.23
CA VAL D 150 32.13 3.88 -2.91
C VAL D 150 32.45 4.57 -4.19
N ARG D 151 32.77 3.80 -5.24
CA ARG D 151 33.11 4.43 -6.48
C ARG D 151 31.94 5.26 -6.96
N ASP D 152 30.74 4.66 -7.03
CA ASP D 152 29.65 5.41 -7.59
C ASP D 152 29.20 6.50 -6.68
N LEU D 153 29.02 6.20 -5.38
CA LEU D 153 28.50 7.22 -4.50
C LEU D 153 29.43 7.37 -3.34
N VAL D 154 29.75 8.62 -3.00
CA VAL D 154 30.61 8.87 -1.87
C VAL D 154 29.75 9.56 -0.85
N LEU D 155 29.84 9.13 0.42
CA LEU D 155 29.01 9.74 1.43
C LEU D 155 29.90 10.61 2.28
N ASP D 156 29.40 11.80 2.67
CA ASP D 156 30.17 12.69 3.49
C ASP D 156 29.28 13.21 4.58
N GLU D 157 29.87 13.57 5.74
CA GLU D 157 29.09 14.14 6.81
C GLU D 157 29.81 15.35 7.35
N SER D 158 29.04 16.40 7.68
CA SER D 158 29.59 17.60 8.26
C SER D 158 29.91 17.39 9.72
N GLN D 159 28.95 16.85 10.50
CA GLN D 159 29.15 16.77 11.93
C GLN D 159 28.66 15.46 12.46
N GLN D 160 28.78 15.27 13.81
CA GLN D 160 28.43 14.02 14.46
C GLN D 160 26.96 13.70 14.43
N VAL D 161 26.10 14.54 15.07
CA VAL D 161 24.65 14.32 15.10
C VAL D 161 24.02 15.59 15.62
N ASP D 162 22.81 15.94 15.14
CA ASP D 162 22.15 17.17 15.53
C ASP D 162 21.17 16.91 16.62
N LEU D 163 21.59 17.19 17.87
CA LEU D 163 20.86 17.08 19.09
C LEU D 163 19.90 18.22 19.32
N THR D 164 20.19 19.41 18.76
CA THR D 164 19.47 20.62 19.11
C THR D 164 18.00 20.47 18.92
N THR D 165 17.56 19.85 17.81
CA THR D 165 16.17 19.69 17.48
C THR D 165 15.49 18.79 18.46
N TYR D 166 16.25 17.86 19.07
CA TYR D 166 15.74 16.83 19.95
C TYR D 166 14.71 17.40 20.89
N ALA D 167 13.58 16.68 21.04
CA ALA D 167 12.49 17.14 21.86
C ALA D 167 12.93 17.21 23.28
N GLY D 168 12.55 18.31 23.96
CA GLY D 168 12.96 18.55 25.31
C GLY D 168 12.39 17.52 26.23
N GLY D 169 11.09 17.21 26.10
CA GLY D 169 10.56 16.26 27.03
C GLY D 169 10.32 14.99 26.29
N GLU D 170 11.40 14.35 25.86
CA GLU D 170 11.28 13.08 25.18
C GLU D 170 11.32 12.04 26.24
N ARG D 171 10.79 10.85 25.92
CA ARG D 171 10.78 9.78 26.87
C ARG D 171 12.20 9.43 27.19
N PHE D 172 13.09 9.47 26.19
CA PHE D 172 14.43 9.05 26.49
C PHE D 172 15.37 10.20 26.30
N GLN D 173 16.38 10.28 27.20
CA GLN D 173 17.41 11.28 27.16
C GLN D 173 18.47 10.79 26.23
N LEU D 174 19.21 11.74 25.61
CA LEU D 174 20.23 11.37 24.67
C LEU D 174 21.57 11.51 25.32
N ILE D 175 22.27 10.39 25.61
CA ILE D 175 23.58 10.60 26.14
C ILE D 175 24.52 11.06 25.06
N GLU D 176 24.51 10.44 23.85
CA GLU D 176 25.32 11.01 22.80
C GLU D 176 24.90 10.43 21.48
N ALA D 177 24.88 11.29 20.44
CA ALA D 177 24.50 10.82 19.13
C ALA D 177 25.69 11.02 18.25
N LYS D 178 26.08 9.97 17.49
CA LYS D 178 27.23 10.12 16.67
C LYS D 178 26.92 9.58 15.30
N GLN D 179 27.56 10.17 14.28
CA GLN D 179 27.43 9.68 12.94
C GLN D 179 28.82 9.55 12.42
N LYS D 180 29.37 8.34 12.43
CA LYS D 180 30.71 8.21 11.94
C LYS D 180 30.65 7.57 10.60
N VAL D 181 31.43 8.10 9.65
CA VAL D 181 31.44 7.51 8.34
C VAL D 181 32.41 6.40 8.34
N ASN D 182 32.04 5.30 7.69
CA ASN D 182 32.94 4.20 7.59
C ASN D 182 32.76 3.57 6.25
N LYS D 183 33.83 2.90 5.78
CA LYS D 183 33.81 2.20 4.54
C LYS D 183 33.94 0.76 4.91
N LYS D 184 33.19 -0.12 4.25
CA LYS D 184 33.20 -1.49 4.66
C LYS D 184 33.11 -2.32 3.42
N THR D 185 33.43 -3.63 3.55
CA THR D 185 33.38 -4.47 2.40
C THR D 185 32.41 -5.58 2.68
N TYR D 186 31.84 -6.17 1.62
CA TYR D 186 30.91 -7.24 1.76
C TYR D 186 31.43 -8.37 0.95
N PRO D 187 31.06 -9.57 1.31
CA PRO D 187 31.53 -10.71 0.59
C PRO D 187 30.99 -10.73 -0.81
N CYS D 188 29.89 -10.01 -1.07
CA CYS D 188 29.31 -10.02 -2.38
C CYS D 188 30.25 -9.40 -3.34
N CYS D 189 30.95 -8.33 -2.90
CA CYS D 189 31.58 -7.54 -3.90
C CYS D 189 32.90 -7.05 -3.40
N PRO D 190 33.82 -6.97 -4.32
CA PRO D 190 35.15 -6.48 -4.04
C PRO D 190 35.21 -5.00 -3.82
N GLN D 191 34.16 -4.25 -4.18
CA GLN D 191 34.19 -2.82 -4.07
C GLN D 191 33.93 -2.42 -2.65
N SER D 192 34.50 -1.27 -2.24
CA SER D 192 34.26 -0.78 -0.92
C SER D 192 32.94 -0.06 -0.94
N PHE D 193 32.20 -0.12 0.19
CA PHE D 193 30.95 0.57 0.26
C PHE D 193 31.03 1.48 1.44
N GLU D 194 30.43 2.69 1.34
CA GLU D 194 30.51 3.58 2.47
C GLU D 194 29.16 3.75 3.06
N ASP D 195 29.09 3.76 4.40
CA ASP D 195 27.86 3.94 5.10
C ASP D 195 28.12 4.85 6.26
N ILE D 196 27.07 5.48 6.80
CA ILE D 196 27.26 6.29 7.97
C ILE D 196 26.65 5.50 9.08
N GLU D 197 27.42 5.28 10.16
CA GLU D 197 26.88 4.51 11.24
C GLU D 197 26.38 5.48 12.25
N LEU D 198 25.07 5.40 12.55
CA LEU D 198 24.54 6.30 13.51
C LEU D 198 24.47 5.54 14.78
N ARG D 199 25.26 5.97 15.78
CA ARG D 199 25.25 5.27 17.02
C ARG D 199 24.66 6.18 18.03
N VAL D 200 23.50 5.79 18.59
CA VAL D 200 22.91 6.63 19.57
C VAL D 200 22.93 5.95 20.88
N THR D 201 23.34 6.70 21.91
CA THR D 201 23.34 6.12 23.21
C THR D 201 22.39 6.93 24.02
N PHE D 202 21.35 6.27 24.56
CA PHE D 202 20.34 6.99 25.27
C PHE D 202 19.85 6.18 26.43
N LYS D 203 19.13 6.85 27.34
CA LYS D 203 18.59 6.21 28.50
C LYS D 203 17.33 6.94 28.86
N LYS D 204 16.49 6.34 29.73
CA LYS D 204 15.31 7.00 30.20
C LYS D 204 15.75 8.09 31.10
N ILE D 205 15.05 9.24 31.04
CA ILE D 205 15.41 10.37 31.85
C ILE D 205 15.53 9.94 33.32
N THR E 1 27.74 11.39 -14.06
CA THR E 1 29.17 11.66 -13.81
C THR E 1 29.99 11.30 -15.00
N LYS E 2 30.41 10.03 -15.08
CA LYS E 2 31.24 9.63 -16.18
C LYS E 2 30.35 9.42 -17.37
N LYS E 3 30.74 10.00 -18.52
CA LYS E 3 30.01 9.86 -19.73
C LYS E 3 30.06 8.44 -20.16
N SER E 4 31.22 7.79 -19.98
CA SER E 4 31.40 6.44 -20.42
C SER E 4 30.39 5.56 -19.73
N ARG E 5 30.22 5.75 -18.40
CA ARG E 5 29.30 4.97 -17.64
C ARG E 5 27.91 5.24 -18.12
N GLU E 6 27.63 6.52 -18.44
CA GLU E 6 26.31 6.93 -18.80
C GLU E 6 25.84 6.20 -20.01
N GLU E 7 26.71 6.03 -21.02
CA GLU E 7 26.28 5.37 -22.22
C GLU E 7 25.93 3.95 -21.90
N ILE E 8 26.66 3.34 -20.94
CA ILE E 8 26.48 1.96 -20.64
C ILE E 8 25.07 1.72 -20.19
N VAL E 9 24.60 2.53 -19.23
CA VAL E 9 23.30 2.36 -18.64
C VAL E 9 22.27 2.47 -19.70
N LYS E 10 22.37 3.54 -20.50
CA LYS E 10 21.39 3.87 -21.49
C LYS E 10 21.29 2.78 -22.49
N GLU E 11 22.44 2.27 -22.94
CA GLU E 11 22.42 1.27 -23.96
C GLU E 11 21.72 0.05 -23.42
N ILE E 12 22.11 -0.43 -22.23
CA ILE E 12 21.47 -1.64 -21.77
C ILE E 12 20.01 -1.40 -21.50
N LEU E 13 19.68 -0.31 -20.80
CA LEU E 13 18.33 -0.05 -20.42
C LEU E 13 17.45 0.27 -21.60
N GLY E 14 17.87 1.25 -22.43
CA GLY E 14 17.01 1.66 -23.50
C GLY E 14 16.88 0.64 -24.60
N ARG E 15 18.01 0.28 -25.24
CA ARG E 15 18.01 -0.64 -26.36
C ARG E 15 17.99 -2.11 -26.01
N ALA E 16 18.72 -2.54 -24.96
CA ALA E 16 19.00 -3.95 -24.78
C ALA E 16 17.79 -4.91 -24.64
N ASN E 17 16.76 -4.75 -23.75
CA ASN E 17 15.75 -5.81 -23.73
C ASN E 17 14.61 -5.56 -22.77
N PRO E 18 13.45 -6.05 -23.16
CA PRO E 18 12.24 -6.01 -22.37
C PRO E 18 12.12 -7.26 -21.55
N ASN E 19 11.11 -7.34 -20.64
CA ASN E 19 10.95 -8.55 -19.87
C ASN E 19 10.72 -9.66 -20.84
N ASN E 20 11.72 -10.56 -20.94
CA ASN E 20 11.68 -11.68 -21.82
C ASN E 20 12.92 -12.44 -21.47
N ILE E 21 12.93 -13.76 -21.65
CA ILE E 21 14.14 -14.46 -21.35
C ILE E 21 14.92 -14.44 -22.63
N PRO E 22 16.00 -13.71 -22.58
CA PRO E 22 16.86 -13.45 -23.71
C PRO E 22 17.51 -14.68 -24.26
N ILE E 23 17.50 -15.80 -23.53
CA ILE E 23 18.26 -16.95 -23.96
C ILE E 23 17.41 -17.89 -24.77
N VAL E 24 17.65 -17.89 -26.10
CA VAL E 24 16.97 -18.70 -27.09
C VAL E 24 17.37 -20.16 -27.04
N ASP E 25 18.67 -20.46 -26.79
CA ASP E 25 19.12 -21.82 -26.89
C ASP E 25 18.54 -22.57 -25.73
N GLU E 26 18.64 -23.92 -25.74
CA GLU E 26 18.02 -24.58 -24.63
C GLU E 26 18.90 -24.47 -23.43
N GLN E 27 18.62 -23.46 -22.58
CA GLN E 27 19.32 -23.28 -21.36
C GLN E 27 18.33 -22.78 -20.36
N PRO E 28 18.31 -23.46 -19.24
CA PRO E 28 17.48 -23.01 -18.17
C PRO E 28 18.26 -21.93 -17.49
N VAL E 29 17.62 -21.09 -16.66
CA VAL E 29 18.41 -20.11 -15.98
C VAL E 29 18.60 -20.60 -14.58
N LYS E 30 19.85 -20.60 -14.12
CA LYS E 30 20.14 -21.04 -12.79
C LYS E 30 20.28 -19.83 -11.95
N VAL E 31 19.74 -19.87 -10.72
CA VAL E 31 19.89 -18.74 -9.86
C VAL E 31 20.51 -19.25 -8.61
N SER E 32 21.67 -18.70 -8.21
CA SER E 32 22.27 -19.17 -6.99
C SER E 32 21.58 -18.46 -5.87
N PHE E 33 21.34 -19.17 -4.74
CA PHE E 33 20.66 -18.51 -3.67
C PHE E 33 21.47 -18.76 -2.44
N LYS E 34 21.63 -17.71 -1.60
CA LYS E 34 22.38 -17.82 -0.38
C LYS E 34 21.62 -17.05 0.64
N TYR E 35 21.70 -17.45 1.92
CA TYR E 35 20.99 -16.71 2.93
C TYR E 35 21.98 -16.23 3.93
N SER E 36 21.87 -14.95 4.31
CA SER E 36 22.69 -14.49 5.38
C SER E 36 21.71 -14.18 6.46
N LEU E 37 21.69 -15.02 7.51
CA LEU E 37 20.75 -14.81 8.58
C LEU E 37 21.30 -13.75 9.47
N GLN E 38 20.72 -12.54 9.38
CA GLN E 38 21.13 -11.44 10.21
C GLN E 38 20.67 -11.61 11.62
N ASP E 39 19.38 -11.95 11.85
CA ASP E 39 18.96 -12.05 13.21
C ASP E 39 17.58 -12.62 13.29
N ILE E 40 17.26 -13.26 14.44
CA ILE E 40 15.93 -13.74 14.66
C ILE E 40 15.33 -12.73 15.59
N TYR E 41 14.56 -11.79 15.02
CA TYR E 41 14.03 -10.70 15.75
C TYR E 41 13.03 -11.11 16.79
N THR E 42 12.02 -11.92 16.42
CA THR E 42 11.05 -12.16 17.45
C THR E 42 10.36 -13.47 17.25
N ALA E 43 9.71 -13.95 18.32
CA ALA E 43 8.94 -15.16 18.28
C ALA E 43 7.62 -14.85 18.90
N ASP E 44 6.52 -15.40 18.32
CA ASP E 44 5.22 -15.17 18.89
C ASP E 44 4.62 -16.50 19.18
N VAL E 45 4.42 -16.81 20.48
CA VAL E 45 3.88 -18.09 20.89
C VAL E 45 2.46 -18.25 20.46
N GLY E 46 1.61 -17.22 20.66
CA GLY E 46 0.23 -17.36 20.33
C GLY E 46 0.07 -17.52 18.85
N THR E 47 0.78 -16.65 18.09
CA THR E 47 0.73 -16.61 16.65
C THR E 47 1.43 -17.81 16.06
N ASP E 48 2.50 -18.29 16.73
CA ASP E 48 3.30 -19.34 16.20
C ASP E 48 3.95 -18.87 14.93
N GLN E 49 4.40 -17.60 14.94
CA GLN E 49 5.12 -17.08 13.81
C GLN E 49 6.43 -16.57 14.33
N VAL E 50 7.48 -16.61 13.48
CA VAL E 50 8.77 -16.17 13.89
C VAL E 50 9.25 -15.17 12.88
N GLU E 51 10.07 -14.19 13.32
CA GLU E 51 10.50 -13.21 12.38
C GLU E 51 11.98 -13.31 12.17
N LEU E 52 12.40 -13.26 10.90
CA LEU E 52 13.77 -13.39 10.58
C LEU E 52 14.19 -12.17 9.83
N GLY E 53 15.41 -11.68 10.11
CA GLY E 53 15.95 -10.59 9.36
C GLY E 53 17.04 -11.27 8.59
N LEU E 54 16.92 -11.29 7.24
CA LEU E 54 17.82 -11.99 6.37
C LEU E 54 18.14 -11.11 5.21
N TRP E 55 19.27 -11.39 4.53
CA TRP E 55 19.43 -10.76 3.25
C TRP E 55 19.60 -11.90 2.31
N LEU E 56 19.03 -11.79 1.10
CA LEU E 56 19.09 -12.91 0.20
C LEU E 56 20.06 -12.59 -0.90
N VAL E 57 21.03 -13.48 -1.13
CA VAL E 57 21.96 -13.23 -2.20
C VAL E 57 21.42 -13.95 -3.39
N ILE E 58 21.21 -13.22 -4.50
CA ILE E 58 20.69 -13.88 -5.65
C ILE E 58 21.57 -13.56 -6.81
N SER E 59 21.98 -14.58 -7.58
CA SER E 59 22.83 -14.28 -8.69
C SER E 59 22.31 -15.01 -9.88
N TRP E 60 22.34 -14.34 -11.05
CA TRP E 60 21.92 -15.00 -12.26
C TRP E 60 22.63 -14.35 -13.41
N LYS E 61 22.66 -15.04 -14.56
CA LYS E 61 23.29 -14.45 -15.70
C LYS E 61 22.23 -14.19 -16.72
N ASP E 62 22.22 -12.97 -17.27
CA ASP E 62 21.30 -12.59 -18.29
C ASP E 62 22.13 -12.37 -19.51
N ARG E 63 21.51 -12.49 -20.71
CA ARG E 63 22.25 -12.30 -21.91
C ARG E 63 22.15 -10.86 -22.26
N SER E 64 23.29 -10.19 -22.52
CA SER E 64 23.26 -8.81 -22.86
C SER E 64 23.99 -8.68 -24.16
N LEU E 65 23.73 -7.58 -24.90
CA LEU E 65 24.42 -7.41 -26.14
C LEU E 65 25.37 -6.27 -26.01
N SER E 66 26.56 -6.38 -26.62
CA SER E 66 27.48 -5.29 -26.56
C SER E 66 27.44 -4.62 -27.90
N TRP E 67 26.79 -3.45 -27.99
CA TRP E 67 26.76 -2.77 -29.25
C TRP E 67 28.03 -2.03 -29.48
N SER E 68 28.28 -1.03 -28.61
CA SER E 68 29.43 -0.20 -28.79
C SER E 68 30.56 -1.04 -28.32
N ASN E 69 31.72 -0.90 -29.00
CA ASN E 69 32.82 -1.71 -28.59
C ASN E 69 33.13 -1.37 -27.19
N GLU E 70 33.17 -2.37 -26.31
CA GLU E 70 33.44 -2.05 -24.95
C GLU E 70 34.88 -1.67 -24.85
N CYS E 71 35.14 -0.55 -24.17
CA CYS E 71 36.49 -0.12 -23.94
C CYS E 71 36.65 -0.20 -22.47
N THR E 72 37.86 0.06 -21.95
CA THR E 72 37.99 0.01 -20.52
C THR E 72 37.06 1.05 -20.00
N THR E 73 36.00 0.59 -19.31
CA THR E 73 35.03 1.52 -18.84
C THR E 73 34.46 1.00 -17.56
N PHE E 74 33.28 1.52 -17.19
CA PHE E 74 32.56 1.21 -16.00
C PHE E 74 32.08 -0.20 -16.15
N ASN E 75 32.72 -1.13 -15.41
CA ASN E 75 32.48 -2.55 -15.47
C ASN E 75 31.14 -2.92 -14.89
N GLU E 76 30.81 -2.39 -13.70
CA GLU E 76 29.59 -2.78 -13.08
C GLU E 76 28.82 -1.53 -12.87
N LEU E 77 27.51 -1.56 -13.19
CA LEU E 77 26.68 -0.41 -12.95
C LEU E 77 25.61 -0.82 -12.02
N THR E 78 25.10 0.14 -11.24
CA THR E 78 24.05 -0.19 -10.33
C THR E 78 22.78 0.40 -10.87
N LEU E 79 21.67 -0.36 -10.78
CA LEU E 79 20.42 0.11 -11.27
C LEU E 79 19.34 -0.40 -10.37
N PRO E 80 18.19 0.21 -10.46
CA PRO E 80 17.09 -0.23 -9.66
C PRO E 80 16.62 -1.56 -10.14
N SER E 81 16.08 -2.39 -9.21
CA SER E 81 15.67 -3.72 -9.52
C SER E 81 14.52 -3.68 -10.49
N LYS E 82 13.73 -2.59 -10.46
CA LYS E 82 12.58 -2.49 -11.31
C LYS E 82 13.03 -2.53 -12.74
N TYR E 83 14.22 -1.98 -13.03
CA TYR E 83 14.69 -1.87 -14.37
C TYR E 83 14.83 -3.22 -15.01
N ILE E 84 15.30 -4.24 -14.26
CA ILE E 84 15.55 -5.52 -14.88
C ILE E 84 14.68 -6.57 -14.25
N TRP E 85 14.57 -7.72 -14.95
CA TRP E 85 13.78 -8.83 -14.51
C TRP E 85 14.45 -9.48 -13.33
N LEU E 86 13.64 -9.88 -12.33
CA LEU E 86 14.17 -10.54 -11.15
C LEU E 86 13.40 -11.81 -10.98
N PRO E 87 14.00 -12.75 -10.30
CA PRO E 87 13.34 -14.00 -10.05
C PRO E 87 12.27 -13.91 -9.00
N HIS E 88 11.29 -14.83 -9.10
CA HIS E 88 10.09 -15.01 -8.33
C HIS E 88 10.29 -15.58 -6.97
N ILE E 89 11.53 -15.98 -6.58
CA ILE E 89 11.76 -16.66 -5.33
C ILE E 89 10.99 -16.08 -4.18
N GLU E 90 10.20 -16.95 -3.52
CA GLU E 90 9.42 -16.50 -2.41
C GLU E 90 9.36 -17.57 -1.37
N VAL E 91 9.06 -17.16 -0.12
CA VAL E 91 8.96 -18.08 0.98
C VAL E 91 7.64 -18.77 0.85
N TYR E 92 7.65 -20.11 0.97
CA TYR E 92 6.43 -20.84 0.81
C TYR E 92 5.48 -20.53 1.92
N ASN E 93 5.94 -20.50 3.18
CA ASN E 93 4.98 -20.26 4.21
C ASN E 93 5.28 -18.98 4.92
N SER E 94 4.97 -17.84 4.28
CA SER E 94 5.17 -16.60 4.97
C SER E 94 3.82 -16.22 5.48
N ILE E 95 3.73 -15.85 6.76
CA ILE E 95 2.46 -15.44 7.30
C ILE E 95 2.08 -14.13 6.70
N GLY E 96 3.04 -13.20 6.54
CA GLY E 96 2.67 -11.92 6.00
C GLY E 96 3.60 -11.55 4.90
N LYS E 97 3.26 -10.45 4.19
CA LYS E 97 4.08 -9.98 3.10
C LYS E 97 5.39 -9.59 3.70
N PRO E 98 6.44 -9.95 3.05
CA PRO E 98 7.73 -9.61 3.56
C PRO E 98 7.96 -8.15 3.38
N GLY E 99 8.76 -7.52 4.26
CA GLY E 99 9.04 -6.11 4.14
C GLY E 99 10.43 -6.01 3.62
N ILE E 100 10.77 -4.86 3.02
CA ILE E 100 12.08 -4.74 2.43
C ILE E 100 12.88 -3.74 3.21
N HIS E 101 14.02 -4.21 3.79
CA HIS E 101 14.93 -3.38 4.52
C HIS E 101 15.70 -2.46 3.61
N SER E 102 16.18 -2.97 2.46
CA SER E 102 17.08 -2.17 1.68
C SER E 102 16.44 -1.73 0.40
N ASP E 103 17.09 -0.75 -0.27
CA ASP E 103 16.57 -0.27 -1.51
C ASP E 103 16.76 -1.34 -2.52
N GLN E 104 15.94 -1.32 -3.58
CA GLN E 104 16.10 -2.34 -4.56
C GLN E 104 17.08 -1.86 -5.58
N LEU E 105 18.35 -2.26 -5.39
CA LEU E 105 19.38 -1.89 -6.31
C LEU E 105 20.11 -3.15 -6.65
N VAL E 106 20.50 -3.30 -7.93
CA VAL E 106 21.19 -4.50 -8.30
C VAL E 106 22.40 -4.12 -9.09
N ARG E 107 23.52 -4.81 -8.86
CA ARG E 107 24.71 -4.53 -9.61
C ARG E 107 24.70 -5.43 -10.79
N VAL E 108 25.09 -4.90 -11.97
CA VAL E 108 25.11 -5.70 -13.15
C VAL E 108 26.50 -5.69 -13.66
N TYR E 109 26.89 -6.76 -14.39
CA TYR E 109 28.23 -6.86 -14.86
C TYR E 109 28.14 -7.04 -16.35
N LYS E 110 29.25 -6.74 -17.04
CA LYS E 110 29.33 -6.76 -18.47
C LYS E 110 29.06 -8.15 -18.97
N ASP E 111 29.55 -9.18 -18.24
CA ASP E 111 29.34 -10.52 -18.69
C ASP E 111 27.87 -10.78 -18.70
N GLY E 112 27.10 -9.98 -17.95
CA GLY E 112 25.68 -10.16 -17.94
C GLY E 112 25.28 -10.65 -16.58
N THR E 113 26.26 -10.95 -15.73
CA THR E 113 25.93 -11.45 -14.43
C THR E 113 25.32 -10.34 -13.63
N VAL E 114 24.32 -10.71 -12.79
CA VAL E 114 23.65 -9.73 -12.00
C VAL E 114 23.64 -10.21 -10.58
N THR E 115 23.88 -9.28 -9.64
CA THR E 115 23.84 -9.65 -8.24
C THR E 115 22.87 -8.75 -7.57
N PHE E 116 21.82 -9.35 -6.96
CA PHE E 116 20.82 -8.57 -6.28
C PHE E 116 20.68 -9.12 -4.90
N VAL E 117 20.79 -8.24 -3.88
CA VAL E 117 20.63 -8.74 -2.55
C VAL E 117 19.68 -7.86 -1.79
N PRO E 118 18.50 -8.37 -1.57
CA PRO E 118 17.55 -7.63 -0.81
C PRO E 118 17.72 -7.94 0.64
N GLN E 119 17.29 -7.02 1.53
CA GLN E 119 17.27 -7.34 2.93
C GLN E 119 15.83 -7.47 3.25
N TYR E 120 15.47 -8.51 4.03
CA TYR E 120 14.07 -8.74 4.26
C TYR E 120 13.84 -9.04 5.69
N THR E 121 12.59 -8.79 6.12
CA THR E 121 12.09 -9.21 7.39
C THR E 121 10.98 -10.12 7.02
N ILE E 122 11.02 -11.39 7.46
CA ILE E 122 10.00 -12.28 7.01
C ILE E 122 9.38 -12.92 8.20
N ARG E 123 8.06 -13.10 8.13
CA ARG E 123 7.38 -13.76 9.19
C ARG E 123 6.87 -15.05 8.63
N PHE E 124 7.26 -16.17 9.25
CA PHE E 124 6.83 -17.44 8.72
C PHE E 124 6.33 -18.28 9.84
N SER E 125 5.56 -19.33 9.49
CA SER E 125 4.98 -20.16 10.51
C SER E 125 6.04 -21.01 11.13
N CYS E 126 6.05 -21.06 12.47
CA CYS E 126 6.94 -21.93 13.17
C CYS E 126 6.58 -21.88 14.62
N ALA E 127 6.52 -23.06 15.27
CA ALA E 127 6.19 -23.08 16.67
C ALA E 127 7.44 -22.77 17.45
N LEU E 128 7.33 -21.77 18.34
CA LEU E 128 8.36 -21.29 19.22
C LEU E 128 8.57 -22.22 20.36
N GLU E 129 7.56 -23.05 20.69
CA GLU E 129 7.54 -23.91 21.86
C GLU E 129 8.88 -24.55 22.08
N ASN E 130 9.29 -24.56 23.37
CA ASN E 130 10.52 -25.12 23.86
C ASN E 130 11.72 -24.38 23.38
N VAL E 131 11.61 -23.05 23.12
CA VAL E 131 12.79 -22.29 22.75
C VAL E 131 13.72 -22.27 23.91
N THR E 132 13.17 -22.17 25.14
CA THR E 132 13.94 -22.05 26.34
C THR E 132 14.72 -23.31 26.59
N THR E 133 14.15 -24.47 26.24
CA THR E 133 14.82 -25.71 26.54
C THR E 133 16.14 -25.75 25.84
N GLU E 134 17.03 -26.63 26.34
CA GLU E 134 18.36 -26.78 25.84
C GLU E 134 18.28 -27.31 24.44
N GLN E 135 17.32 -28.22 24.16
CA GLN E 135 17.25 -28.78 22.85
C GLN E 135 16.99 -27.68 21.88
N GLY E 136 16.14 -26.71 22.26
CA GLY E 136 15.86 -25.62 21.37
C GLY E 136 14.71 -26.00 20.49
N ALA E 137 14.54 -25.27 19.37
CA ALA E 137 13.42 -25.54 18.51
C ALA E 137 13.91 -25.49 17.09
N ALA E 138 13.17 -26.13 16.17
CA ALA E 138 13.58 -26.12 14.80
C ALA E 138 12.48 -25.53 13.98
N CYS E 139 12.86 -24.78 12.93
CA CYS E 139 11.90 -24.18 12.05
C CYS E 139 12.40 -24.41 10.67
N THR E 140 11.47 -24.52 9.70
CA THR E 140 11.92 -24.68 8.34
C THR E 140 11.05 -23.82 7.48
N LEU E 141 11.65 -23.20 6.45
CA LEU E 141 10.91 -22.46 5.48
C LEU E 141 11.56 -22.76 4.18
N LYS E 142 10.76 -22.89 3.10
CA LYS E 142 11.38 -23.22 1.85
C LYS E 142 11.24 -22.07 0.94
N PHE E 143 12.31 -21.78 0.17
CA PHE E 143 12.27 -20.68 -0.75
C PHE E 143 12.41 -21.29 -2.10
N GLY E 144 11.77 -20.69 -3.12
CA GLY E 144 11.90 -21.23 -4.43
C GLY E 144 10.91 -20.52 -5.31
N PRO E 145 11.15 -20.60 -6.60
CA PRO E 145 10.31 -19.96 -7.58
C PRO E 145 8.92 -20.47 -7.40
N TRP E 146 7.92 -19.58 -7.40
CA TRP E 146 6.59 -20.10 -7.23
C TRP E 146 6.16 -20.80 -8.49
N THR E 147 6.21 -20.07 -9.63
CA THR E 147 5.78 -20.54 -10.92
C THR E 147 6.73 -21.48 -11.59
N TYR E 148 8.04 -21.17 -11.55
CA TYR E 148 9.01 -21.85 -12.35
C TYR E 148 9.27 -23.25 -11.88
N ASP E 149 9.29 -24.19 -12.84
CA ASP E 149 9.62 -25.54 -12.56
C ASP E 149 11.11 -25.65 -12.65
N VAL E 150 11.65 -26.84 -12.35
CA VAL E 150 13.06 -27.07 -12.37
C VAL E 150 13.55 -26.81 -13.75
N ARG E 151 12.73 -27.13 -14.76
CA ARG E 151 13.17 -26.92 -16.10
C ARG E 151 13.49 -25.47 -16.32
N ASP E 152 12.54 -24.57 -15.97
CA ASP E 152 12.79 -23.19 -16.28
C ASP E 152 13.84 -22.60 -15.40
N LEU E 153 13.76 -22.84 -14.08
CA LEU E 153 14.71 -22.23 -13.20
C LEU E 153 15.37 -23.28 -12.37
N VAL E 154 16.71 -23.22 -12.27
CA VAL E 154 17.42 -24.16 -11.47
C VAL E 154 18.00 -23.38 -10.33
N LEU E 155 17.88 -23.90 -9.10
CA LEU E 155 18.39 -23.17 -7.96
C LEU E 155 19.64 -23.87 -7.50
N ASP E 156 20.66 -23.08 -7.11
CA ASP E 156 21.90 -23.66 -6.64
C ASP E 156 22.32 -22.92 -5.41
N GLU E 157 23.07 -23.61 -4.51
CA GLU E 157 23.57 -22.94 -3.33
C GLU E 157 25.02 -23.29 -3.15
N SER E 158 25.82 -22.30 -2.73
CA SER E 158 27.22 -22.50 -2.46
C SER E 158 27.41 -23.21 -1.14
N GLN E 159 26.77 -22.72 -0.06
CA GLN E 159 27.04 -23.26 1.25
C GLN E 159 25.76 -23.40 2.03
N GLN E 160 25.89 -23.90 3.30
CA GLN E 160 24.76 -24.18 4.15
C GLN E 160 24.00 -22.94 4.58
N VAL E 161 24.62 -22.01 5.35
CA VAL E 161 23.98 -20.79 5.81
C VAL E 161 25.06 -19.90 6.36
N ASP E 162 24.92 -18.55 6.20
CA ASP E 162 25.93 -17.62 6.63
C ASP E 162 25.60 -17.07 7.99
N LEU E 163 26.24 -17.64 9.02
CA LEU E 163 26.15 -17.30 10.41
C LEU E 163 26.95 -16.07 10.78
N THR E 164 28.03 -15.79 10.04
CA THR E 164 29.00 -14.79 10.45
C THR E 164 28.37 -13.47 10.70
N THR E 165 27.44 -13.03 9.84
CA THR E 165 26.80 -11.76 9.94
C THR E 165 25.92 -11.68 11.16
N TYR E 166 25.43 -12.85 11.63
CA TYR E 166 24.49 -12.96 12.72
C TYR E 166 24.88 -12.04 13.84
N ALA E 167 23.88 -11.30 14.39
CA ALA E 167 24.14 -10.35 15.43
C ALA E 167 24.61 -11.05 16.66
N GLY E 168 25.66 -10.47 17.29
CA GLY E 168 26.28 -11.07 18.43
C GLY E 168 25.32 -11.14 19.58
N GLY E 169 24.60 -10.03 19.86
CA GLY E 169 23.73 -10.10 21.00
C GLY E 169 22.33 -10.16 20.50
N GLU E 170 21.99 -11.28 19.84
CA GLU E 170 20.65 -11.45 19.37
C GLU E 170 19.89 -12.10 20.48
N ARG E 171 18.56 -11.97 20.45
CA ARG E 171 17.75 -12.56 21.47
C ARG E 171 17.94 -14.04 21.41
N PHE E 172 18.04 -14.61 20.20
CA PHE E 172 18.14 -16.04 20.14
C PHE E 172 19.46 -16.44 19.58
N GLN E 173 20.03 -17.54 20.14
CA GLN E 173 21.27 -18.11 19.70
C GLN E 173 20.97 -19.02 18.55
N LEU E 174 21.95 -19.22 17.65
CA LEU E 174 21.74 -20.04 16.51
C LEU E 174 22.42 -21.36 16.73
N ILE E 175 21.65 -22.46 16.92
CA ILE E 175 22.35 -23.70 17.03
C ILE E 175 22.87 -24.14 15.68
N GLU E 176 22.06 -24.06 14.60
CA GLU E 176 22.62 -24.36 13.31
C GLU E 176 21.70 -23.86 12.23
N ALA E 177 22.27 -23.30 11.16
CA ALA E 177 21.48 -22.83 10.06
C ALA E 177 21.85 -23.62 8.87
N LYS E 178 20.85 -24.16 8.15
CA LYS E 178 21.19 -24.97 7.01
C LYS E 178 20.32 -24.56 5.86
N GLN E 179 20.87 -24.70 4.64
CA GLN E 179 20.11 -24.44 3.45
C GLN E 179 20.33 -25.62 2.58
N LYS E 180 19.36 -26.56 2.55
CA LYS E 180 19.58 -27.70 1.72
C LYS E 180 18.69 -27.56 0.54
N VAL E 181 19.24 -27.85 -0.65
CA VAL E 181 18.44 -27.76 -1.84
C VAL E 181 17.71 -29.04 -2.00
N ASN E 182 16.44 -28.94 -2.40
CA ASN E 182 15.68 -30.12 -2.63
C ASN E 182 14.78 -29.87 -3.78
N LYS E 183 14.40 -30.97 -4.47
CA LYS E 183 13.49 -30.92 -5.58
C LYS E 183 12.27 -31.62 -5.10
N LYS E 184 11.09 -31.10 -5.43
CA LYS E 184 9.90 -31.70 -4.89
C LYS E 184 8.85 -31.61 -5.96
N THR E 185 7.76 -32.40 -5.79
CA THR E 185 6.73 -32.38 -6.78
C THR E 185 5.46 -31.96 -6.12
N TYR E 186 4.53 -31.41 -6.91
CA TYR E 186 3.27 -30.96 -6.39
C TYR E 186 2.21 -31.66 -7.20
N PRO E 187 1.06 -31.83 -6.62
CA PRO E 187 0.01 -32.49 -7.32
C PRO E 187 -0.46 -31.68 -8.50
N CYS E 188 -0.19 -30.38 -8.51
CA CYS E 188 -0.64 -29.55 -9.58
C CYS E 188 0.06 -29.95 -10.83
N CYS E 189 1.35 -30.31 -10.73
CA CYS E 189 2.07 -30.36 -11.94
C CYS E 189 3.04 -31.52 -11.90
N PRO E 190 3.23 -32.10 -13.05
CA PRO E 190 4.15 -33.20 -13.21
C PRO E 190 5.58 -32.79 -13.18
N GLN E 191 5.89 -31.48 -13.30
CA GLN E 191 7.25 -31.02 -13.35
C GLN E 191 7.82 -30.99 -11.97
N SER E 192 9.14 -31.18 -11.86
CA SER E 192 9.79 -31.10 -10.59
C SER E 192 10.04 -29.65 -10.30
N PHE E 193 9.98 -29.27 -9.01
CA PHE E 193 10.24 -27.90 -8.66
C PHE E 193 11.35 -27.93 -7.66
N GLU E 194 12.26 -26.94 -7.71
CA GLU E 194 13.34 -26.95 -6.75
C GLU E 194 13.19 -25.79 -5.82
N ASP E 195 13.44 -26.06 -4.52
CA ASP E 195 13.36 -25.03 -3.52
C ASP E 195 14.52 -25.23 -2.59
N ILE E 196 14.87 -24.16 -1.84
CA ILE E 196 15.92 -24.33 -0.87
C ILE E 196 15.22 -24.31 0.44
N GLU E 197 15.47 -25.34 1.28
CA GLU E 197 14.80 -25.37 2.54
C GLU E 197 15.73 -24.81 3.54
N LEU E 198 15.31 -23.73 4.21
CA LEU E 198 16.18 -23.14 5.18
C LEU E 198 15.70 -23.65 6.50
N ARG E 199 16.54 -24.45 7.17
CA ARG E 199 16.13 -24.97 8.44
C ARG E 199 16.99 -24.35 9.47
N VAL E 200 16.38 -23.57 10.38
CA VAL E 200 17.18 -22.96 11.39
C VAL E 200 16.80 -23.54 12.70
N THR E 201 17.83 -23.88 13.49
CA THR E 201 17.54 -24.39 14.78
C THR E 201 18.16 -23.42 15.74
N PHE E 202 17.33 -22.84 16.63
CA PHE E 202 17.83 -21.84 17.52
C PHE E 202 17.15 -21.95 18.84
N LYS E 203 17.72 -21.27 19.84
CA LYS E 203 17.19 -21.27 21.18
C LYS E 203 17.55 -19.96 21.79
N LYS E 204 16.89 -19.61 22.93
CA LYS E 204 17.23 -18.42 23.65
C LYS E 204 18.57 -18.65 24.26
N ILE E 205 19.40 -17.59 24.28
CA ILE E 205 20.72 -17.71 24.83
C ILE E 205 20.65 -18.30 26.24
#